data_4GKM
#
_entry.id   4GKM
#
_cell.length_a   111.167
_cell.length_b   81.342
_cell.length_c   78.468
_cell.angle_alpha   90.00
_cell.angle_beta   90.00
_cell.angle_gamma   90.00
#
_symmetry.space_group_name_H-M   'P 21 21 2'
#
loop_
_entity.id
_entity.type
_entity.pdbx_description
1 polymer 'Anthranilate phosphoribosyltransferase'
2 non-polymer 1-O-pyrophosphono-5-O-phosphono-alpha-D-ribofuranose
3 non-polymer 'MAGNESIUM ION'
4 non-polymer '2-[(2-carboxyphenyl)amino]-5-methylbenzoic acid'
5 non-polymer GLYCEROL
6 non-polymer 'DIMETHYL SULFOXIDE'
7 water water
#
_entity_poly.entity_id   1
_entity_poly.type   'polypeptide(L)'
_entity_poly.pdbx_seq_one_letter_code
;MVALSAEGSSGGSRGGSPKAEAASVPSWPQILGRLTDNRDLARGQAAWAMDQIMTGNARPAQIAAFAVAMTMKAPTADEV
GELAGVMLSHAHPLPADTVPDDAVDVVGTGGDGVNTVNLSTMAAIVVAAAGVPVVKHGNRAASSLSGGADTLEALGVRID
LGPDLVARSLAEVGIGFCFAPRFHPSYRHAAAVRREIGVPTVFNLLGPLTNPARPRAGLIGCAFADLAEVMAGVFAARRS
SVLVVHGDDGLDELTTTTTSTIWRVAAGSVDKLTFDPAGFGFARAQLDQLAGGDAQANAAAVRAVLGGARGPVRDAVVLN
AAGAIVAHAGLSSRAEWLPAWEEGLRRASAAIDTGAAEQLLARWVRFGRQILEHHHHHH
;
_entity_poly.pdbx_strand_id   A,B
#
# COMPACT_ATOMS: atom_id res chain seq x y z
N PRO A 26 -12.66 -15.26 -3.15
CA PRO A 26 -11.66 -14.21 -2.96
C PRO A 26 -12.30 -12.84 -2.75
N SER A 27 -11.61 -11.99 -2.01
CA SER A 27 -12.07 -10.62 -1.78
C SER A 27 -10.86 -9.73 -1.58
N TRP A 28 -11.04 -8.43 -1.70
CA TRP A 28 -9.95 -7.51 -1.41
C TRP A 28 -9.50 -7.58 0.05
N PRO A 29 -10.44 -7.64 1.01
CA PRO A 29 -9.98 -7.75 2.40
C PRO A 29 -9.15 -9.00 2.65
N GLN A 30 -9.50 -10.10 2.00
CA GLN A 30 -8.76 -11.36 2.19
C GLN A 30 -7.35 -11.26 1.60
N ILE A 31 -7.30 -10.81 0.36
CA ILE A 31 -6.03 -10.71 -0.36
C ILE A 31 -5.11 -9.62 0.23
N LEU A 32 -5.64 -8.41 0.42
CA LEU A 32 -4.84 -7.34 1.04
C LEU A 32 -4.45 -7.67 2.47
N GLY A 33 -5.33 -8.33 3.21
CA GLY A 33 -4.99 -8.74 4.56
C GLY A 33 -3.84 -9.71 4.59
N ARG A 34 -3.83 -10.63 3.63
CA ARG A 34 -2.76 -11.61 3.54
C ARG A 34 -1.43 -10.93 3.24
N LEU A 35 -1.44 -9.97 2.30
CA LEU A 35 -0.22 -9.25 1.95
C LEU A 35 0.30 -8.40 3.11
N THR A 36 -0.59 -7.71 3.82
CA THR A 36 -0.16 -6.91 4.98
C THR A 36 0.32 -7.76 6.15
N ASP A 37 -0.08 -9.03 6.18
CA ASP A 37 0.48 -9.96 7.15
C ASP A 37 1.83 -10.53 6.69
N ASN A 38 2.37 -9.97 5.60
CA ASN A 38 3.65 -10.42 5.03
CA ASN A 38 3.65 -10.41 5.05
C ASN A 38 3.64 -11.89 4.63
N ARG A 39 2.52 -12.33 4.08
CA ARG A 39 2.39 -13.71 3.61
C ARG A 39 2.29 -13.76 2.09
N ASP A 40 2.90 -14.78 1.50
CA ASP A 40 2.68 -15.05 0.08
C ASP A 40 1.21 -15.36 -0.18
N LEU A 41 0.72 -14.99 -1.36
CA LEU A 41 -0.67 -15.28 -1.70
C LEU A 41 -0.89 -16.77 -2.00
N ALA A 42 -2.12 -17.22 -1.86
CA ALA A 42 -2.47 -18.57 -2.32
C ALA A 42 -2.50 -18.57 -3.84
N ARG A 43 -2.26 -19.73 -4.45
CA ARG A 43 -2.33 -19.84 -5.90
C ARG A 43 -3.66 -19.29 -6.42
N GLY A 44 -3.61 -18.49 -7.48
CA GLY A 44 -4.81 -17.92 -8.07
C GLY A 44 -5.24 -16.56 -7.54
N GLN A 45 -4.80 -16.20 -6.34
CA GLN A 45 -5.21 -14.92 -5.73
C GLN A 45 -4.68 -13.68 -6.47
N ALA A 46 -3.41 -13.68 -6.84
CA ALA A 46 -2.88 -12.58 -7.63
C ALA A 46 -3.62 -12.47 -8.95
N ALA A 47 -3.89 -13.62 -9.60
CA ALA A 47 -4.63 -13.61 -10.85
C ALA A 47 -6.05 -13.00 -10.68
N TRP A 48 -6.74 -13.41 -9.62
CA TRP A 48 -8.07 -12.87 -9.35
C TRP A 48 -8.00 -11.36 -9.20
N ALA A 49 -7.00 -10.89 -8.48
CA ALA A 49 -6.86 -9.46 -8.24
C ALA A 49 -6.63 -8.73 -9.56
N MET A 50 -5.74 -9.26 -10.39
CA MET A 50 -5.44 -8.58 -11.65
C MET A 50 -6.64 -8.62 -12.59
N ASP A 51 -7.41 -9.70 -12.53
CA ASP A 51 -8.57 -9.79 -13.40
C ASP A 51 -9.64 -8.76 -12.97
N GLN A 52 -9.80 -8.58 -11.67
CA GLN A 52 -10.70 -7.54 -11.17
C GLN A 52 -10.27 -6.18 -11.69
N ILE A 53 -8.97 -5.93 -11.65
CA ILE A 53 -8.40 -4.67 -12.10
C ILE A 53 -8.65 -4.44 -13.60
N MET A 54 -8.45 -5.48 -14.41
CA MET A 54 -8.60 -5.35 -15.86
C MET A 54 -10.05 -5.36 -16.36
N THR A 55 -10.99 -5.76 -15.50
CA THR A 55 -12.38 -5.80 -15.93
C THR A 55 -13.13 -4.55 -15.47
N GLY A 56 -12.41 -3.61 -14.86
CA GLY A 56 -13.00 -2.37 -14.39
C GLY A 56 -13.75 -2.50 -13.07
N ASN A 57 -13.50 -3.59 -12.35
CA ASN A 57 -14.22 -3.91 -11.11
C ASN A 57 -13.50 -3.51 -9.83
N ALA A 58 -12.33 -2.89 -9.98
CA ALA A 58 -11.54 -2.49 -8.83
C ALA A 58 -11.53 -0.98 -8.69
N ARG A 59 -11.81 -0.49 -7.47
CA ARG A 59 -11.69 0.93 -7.15
C ARG A 59 -10.21 1.33 -7.20
N PRO A 60 -9.93 2.59 -7.58
CA PRO A 60 -8.54 3.07 -7.56
C PRO A 60 -7.86 2.81 -6.22
N ALA A 61 -8.58 2.99 -5.11
CA ALA A 61 -7.99 2.73 -3.80
C ALA A 61 -7.57 1.27 -3.66
N GLN A 62 -8.36 0.36 -4.23
CA GLN A 62 -8.05 -1.06 -4.12
C GLN A 62 -6.86 -1.42 -5.00
N ILE A 63 -6.82 -0.86 -6.21
CA ILE A 63 -5.68 -1.06 -7.11
C ILE A 63 -4.37 -0.61 -6.43
N ALA A 64 -4.39 0.58 -5.84
CA ALA A 64 -3.20 1.14 -5.20
C ALA A 64 -2.78 0.30 -4.01
N ALA A 65 -3.75 -0.09 -3.18
CA ALA A 65 -3.44 -0.88 -2.00
C ALA A 65 -2.76 -2.18 -2.43
N PHE A 66 -3.28 -2.78 -3.48
CA PHE A 66 -2.74 -4.06 -3.94
C PHE A 66 -1.32 -3.89 -4.47
N ALA A 67 -1.12 -2.91 -5.34
CA ALA A 67 0.20 -2.68 -5.92
C ALA A 67 1.24 -2.43 -4.84
N VAL A 68 0.89 -1.59 -3.86
CA VAL A 68 1.80 -1.29 -2.78
C VAL A 68 2.06 -2.48 -1.84
N ALA A 69 0.99 -3.16 -1.43
CA ALA A 69 1.14 -4.27 -0.50
C ALA A 69 1.94 -5.40 -1.10
N MET A 70 1.67 -5.71 -2.36
CA MET A 70 2.45 -6.78 -3.01
C MET A 70 3.94 -6.42 -3.03
N THR A 71 4.24 -5.17 -3.36
CA THR A 71 5.63 -4.72 -3.45
C THR A 71 6.35 -4.82 -2.12
N MET A 72 5.70 -4.36 -1.05
CA MET A 72 6.32 -4.38 0.27
C MET A 72 6.40 -5.76 0.93
N LYS A 73 5.49 -6.66 0.55
CA LYS A 73 5.59 -8.05 1.02
C LYS A 73 6.84 -8.71 0.41
N ALA A 74 7.15 -8.31 -0.82
CA ALA A 74 8.17 -8.88 -1.73
C ALA A 74 7.51 -9.92 -2.62
N PRO A 75 7.26 -9.55 -3.89
CA PRO A 75 6.51 -10.47 -4.76
C PRO A 75 7.30 -11.71 -5.11
N THR A 76 6.61 -12.81 -5.33
CA THR A 76 7.26 -14.02 -5.79
C THR A 76 7.09 -14.11 -7.30
N ALA A 77 7.88 -14.97 -7.93
CA ALA A 77 7.74 -15.20 -9.38
C ALA A 77 6.37 -15.78 -9.72
N ASP A 78 5.84 -16.64 -8.84
CA ASP A 78 4.52 -17.20 -9.09
C ASP A 78 3.50 -16.06 -9.16
N GLU A 79 3.59 -15.12 -8.21
CA GLU A 79 2.64 -14.01 -8.15
C GLU A 79 2.73 -13.09 -9.36
N VAL A 80 3.94 -12.69 -9.71
CA VAL A 80 4.15 -11.79 -10.84
C VAL A 80 3.74 -12.49 -12.15
N GLY A 81 4.01 -13.78 -12.23
CA GLY A 81 3.59 -14.54 -13.40
C GLY A 81 2.08 -14.61 -13.52
N GLU A 82 1.38 -14.68 -12.40
CA GLU A 82 -0.08 -14.61 -12.43
C GLU A 82 -0.57 -13.26 -12.95
N LEU A 83 0.04 -12.17 -12.48
CA LEU A 83 -0.37 -10.83 -12.94
C LEU A 83 -0.17 -10.70 -14.45
N ALA A 84 1.01 -11.11 -14.93
CA ALA A 84 1.34 -11.01 -16.36
C ALA A 84 0.43 -11.92 -17.20
N GLY A 85 0.12 -13.10 -16.66
CA GLY A 85 -0.74 -14.06 -17.36
C GLY A 85 -2.14 -13.51 -17.59
N VAL A 86 -2.68 -12.82 -16.59
CA VAL A 86 -3.98 -12.18 -16.72
C VAL A 86 -3.94 -11.07 -17.77
N MET A 87 -2.90 -10.24 -17.71
CA MET A 87 -2.75 -9.20 -18.74
C MET A 87 -2.71 -9.81 -20.13
N LEU A 88 -1.92 -10.86 -20.31
CA LEU A 88 -1.81 -11.44 -21.65
C LEU A 88 -3.11 -12.11 -22.07
N SER A 89 -3.89 -12.59 -21.11
CA SER A 89 -5.16 -13.24 -21.45
C SER A 89 -6.18 -12.21 -21.96
N HIS A 90 -6.00 -10.94 -21.59
CA HIS A 90 -6.90 -9.87 -22.03
C HIS A 90 -6.37 -9.05 -23.20
N ALA A 91 -5.10 -9.26 -23.57
CA ALA A 91 -4.46 -8.43 -24.57
C ALA A 91 -4.94 -8.75 -25.99
N HIS A 92 -4.85 -7.77 -26.89
CA HIS A 92 -4.99 -8.04 -28.32
C HIS A 92 -3.78 -8.86 -28.77
N PRO A 93 -4.02 -10.07 -29.30
CA PRO A 93 -2.91 -10.90 -29.78
C PRO A 93 -2.59 -10.58 -31.23
N LEU A 94 -1.44 -11.06 -31.72
CA LEU A 94 -1.17 -10.94 -33.14
C LEU A 94 -1.84 -12.09 -33.86
N PRO A 95 -2.12 -11.92 -35.16
CA PRO A 95 -2.78 -13.00 -35.93
C PRO A 95 -2.00 -14.31 -35.88
N ALA A 96 -2.72 -15.42 -36.00
CA ALA A 96 -2.11 -16.75 -35.97
C ALA A 96 -0.97 -16.86 -36.97
N ASP A 97 0.09 -17.55 -36.55
CA ASP A 97 1.25 -17.85 -37.39
C ASP A 97 1.91 -16.63 -38.04
N THR A 98 1.92 -15.50 -37.34
CA THR A 98 2.58 -14.30 -37.86
C THR A 98 3.83 -13.90 -37.09
N VAL A 99 4.09 -14.56 -35.97
CA VAL A 99 5.31 -14.30 -35.19
C VAL A 99 6.27 -15.48 -35.25
N PRO A 100 7.49 -15.27 -35.77
CA PRO A 100 8.51 -16.33 -35.86
C PRO A 100 8.82 -16.90 -34.48
N ASP A 101 9.08 -18.21 -34.41
CA ASP A 101 9.37 -18.87 -33.14
C ASP A 101 10.57 -18.26 -32.43
N ASP A 102 11.47 -17.63 -33.20
CA ASP A 102 12.69 -17.07 -32.61
C ASP A 102 12.67 -15.55 -32.47
N ALA A 103 11.48 -14.94 -32.50
CA ALA A 103 11.39 -13.49 -32.36
C ALA A 103 11.91 -13.04 -30.99
N VAL A 104 12.51 -11.85 -30.93
CA VAL A 104 13.08 -11.36 -29.67
C VAL A 104 12.56 -9.96 -29.34
N ASP A 105 12.57 -9.65 -28.05
CA ASP A 105 12.19 -8.32 -27.57
C ASP A 105 13.43 -7.67 -26.97
N VAL A 106 13.48 -6.33 -26.95
CA VAL A 106 14.51 -5.60 -26.24
C VAL A 106 13.78 -4.48 -25.52
N VAL A 107 13.62 -4.60 -24.20
CA VAL A 107 12.76 -3.68 -23.47
C VAL A 107 13.08 -3.72 -21.98
N GLY A 108 12.89 -2.59 -21.30
CA GLY A 108 13.16 -2.50 -19.87
C GLY A 108 12.01 -1.94 -19.08
N THR A 109 12.14 -1.98 -17.75
CA THR A 109 11.13 -1.45 -16.84
C THR A 109 11.06 0.07 -16.93
N GLY A 110 12.18 0.69 -17.29
CA GLY A 110 12.30 2.13 -17.15
C GLY A 110 12.47 2.43 -15.67
N GLY A 111 12.40 3.70 -15.29
CA GLY A 111 12.47 4.07 -13.88
C GLY A 111 13.85 4.03 -13.28
N ASP A 112 14.90 4.09 -14.10
CA ASP A 112 16.26 4.12 -13.56
C ASP A 112 16.67 5.55 -13.21
N GLY A 113 15.80 6.50 -13.55
CA GLY A 113 15.99 7.91 -13.20
C GLY A 113 17.26 8.55 -13.74
N VAL A 114 17.93 7.87 -14.66
CA VAL A 114 19.21 8.36 -15.19
C VAL A 114 19.06 9.12 -16.52
N ASN A 115 17.83 9.16 -17.03
CA ASN A 115 17.50 9.84 -18.28
C ASN A 115 18.53 9.67 -19.40
N THR A 116 18.59 8.47 -19.98
CA THR A 116 19.57 8.19 -21.02
C THR A 116 18.94 8.25 -22.41
N VAL A 117 19.80 8.16 -23.42
CA VAL A 117 19.33 7.94 -24.78
C VAL A 117 18.59 6.60 -24.82
N ASN A 118 17.86 6.37 -25.88
CA ASN A 118 16.98 5.20 -25.98
C ASN A 118 17.73 3.94 -26.41
N LEU A 119 18.51 3.39 -25.48
CA LEU A 119 19.41 2.28 -25.77
C LEU A 119 18.69 1.01 -26.23
N SER A 120 17.57 0.66 -25.61
CA SER A 120 16.83 -0.54 -26.04
C SER A 120 16.31 -0.41 -27.46
N THR A 121 15.77 0.78 -27.77
CA THR A 121 15.18 1.02 -29.07
C THR A 121 16.26 0.97 -30.16
N MET A 122 17.40 1.59 -29.88
CA MET A 122 18.53 1.57 -30.80
C MET A 122 19.06 0.16 -31.00
N ALA A 123 19.29 -0.54 -29.90
CA ALA A 123 19.69 -1.95 -29.98
C ALA A 123 18.70 -2.78 -30.81
N ALA A 124 17.40 -2.56 -30.62
CA ALA A 124 16.39 -3.34 -31.33
C ALA A 124 16.51 -3.18 -32.84
N ILE A 125 16.73 -1.95 -33.30
CA ILE A 125 16.90 -1.69 -34.73
C ILE A 125 18.13 -2.44 -35.28
N VAL A 126 19.22 -2.40 -34.53
CA VAL A 126 20.46 -3.09 -34.91
C VAL A 126 20.28 -4.61 -34.94
N VAL A 127 19.58 -5.15 -33.94
CA VAL A 127 19.31 -6.59 -33.90
C VAL A 127 18.49 -7.04 -35.10
N ALA A 128 17.45 -6.28 -35.43
CA ALA A 128 16.62 -6.63 -36.59
C ALA A 128 17.45 -6.59 -37.86
N ALA A 129 18.37 -5.63 -37.93
CA ALA A 129 19.18 -5.45 -39.13
C ALA A 129 20.16 -6.60 -39.30
N ALA A 130 20.53 -7.22 -38.19
CA ALA A 130 21.37 -8.42 -38.21
C ALA A 130 20.61 -9.68 -38.67
N GLY A 131 19.30 -9.58 -38.83
CA GLY A 131 18.51 -10.71 -39.31
C GLY A 131 17.77 -11.48 -38.23
N VAL A 132 17.77 -10.97 -37.01
CA VAL A 132 16.97 -11.56 -35.93
C VAL A 132 15.63 -10.85 -35.90
N PRO A 133 14.52 -11.61 -36.02
CA PRO A 133 13.21 -10.93 -36.00
C PRO A 133 12.96 -10.28 -34.64
N VAL A 134 12.50 -9.03 -34.65
CA VAL A 134 12.27 -8.30 -33.40
C VAL A 134 10.84 -7.84 -33.33
N VAL A 135 10.14 -8.20 -32.25
CA VAL A 135 8.87 -7.53 -31.96
C VAL A 135 9.05 -6.83 -30.61
N LYS A 136 9.19 -5.52 -30.67
CA LYS A 136 9.48 -4.76 -29.45
C LYS A 136 8.21 -4.22 -28.82
N HIS A 137 8.10 -4.38 -27.50
CA HIS A 137 7.01 -3.81 -26.71
C HIS A 137 7.55 -2.49 -26.20
N GLY A 138 6.70 -1.47 -26.13
CA GLY A 138 7.19 -0.18 -25.69
C GLY A 138 6.10 0.81 -25.34
N ASN A 139 6.50 1.92 -24.74
CA ASN A 139 5.57 2.94 -24.30
C ASN A 139 6.24 4.30 -24.34
N ARG A 140 5.44 5.34 -24.16
CA ARG A 140 5.99 6.67 -24.01
C ARG A 140 6.73 6.80 -22.68
N ALA A 141 7.41 7.92 -22.48
CA ALA A 141 8.18 8.17 -21.26
C ALA A 141 7.26 8.28 -20.05
N ALA A 142 7.76 7.83 -18.91
CA ALA A 142 7.04 7.99 -17.65
C ALA A 142 7.71 9.05 -16.78
N SER A 143 9.05 9.00 -16.73
CA SER A 143 9.83 9.94 -15.93
C SER A 143 10.96 10.60 -16.74
N SER A 144 11.47 9.87 -17.73
CA SER A 144 12.50 10.43 -18.62
C SER A 144 11.88 11.46 -19.57
N LEU A 145 12.74 12.15 -20.33
CA LEU A 145 12.26 13.16 -21.25
C LEU A 145 11.68 12.56 -22.54
N SER A 146 12.20 11.41 -22.94
CA SER A 146 11.73 10.74 -24.15
C SER A 146 11.85 9.22 -24.02
N GLY A 147 10.72 8.52 -24.08
CA GLY A 147 10.71 7.07 -24.01
C GLY A 147 10.86 6.49 -25.41
N GLY A 148 10.97 5.17 -25.51
CA GLY A 148 11.17 4.53 -26.80
C GLY A 148 10.12 4.88 -27.84
N ALA A 149 8.86 4.86 -27.43
CA ALA A 149 7.77 5.19 -28.35
C ALA A 149 7.80 6.64 -28.82
N ASP A 150 8.19 7.55 -27.92
CA ASP A 150 8.31 8.97 -28.26
C ASP A 150 9.40 9.19 -29.31
N THR A 151 10.52 8.49 -29.12
CA THR A 151 11.66 8.62 -30.01
C THR A 151 11.39 8.01 -31.38
N LEU A 152 10.71 6.86 -31.40
CA LEU A 152 10.32 6.22 -32.67
C LEU A 152 9.37 7.14 -33.45
N GLU A 153 8.43 7.75 -32.74
CA GLU A 153 7.48 8.68 -33.35
C GLU A 153 8.23 9.84 -34.01
N ALA A 154 9.24 10.35 -33.32
CA ALA A 154 10.02 11.49 -33.79
C ALA A 154 10.84 11.12 -35.01
N LEU A 155 11.20 9.84 -35.12
CA LEU A 155 11.96 9.34 -36.25
C LEU A 155 11.08 9.07 -37.46
N GLY A 156 9.76 9.15 -37.26
CA GLY A 156 8.81 8.93 -38.34
C GLY A 156 8.26 7.52 -38.40
N VAL A 157 8.60 6.71 -37.41
CA VAL A 157 8.07 5.36 -37.29
C VAL A 157 6.66 5.41 -36.69
N ARG A 158 5.76 4.61 -37.23
CA ARG A 158 4.40 4.55 -36.70
C ARG A 158 4.33 3.66 -35.46
N ILE A 159 3.89 4.26 -34.36
CA ILE A 159 3.72 3.53 -33.11
C ILE A 159 2.25 3.24 -32.82
N ASP A 160 1.38 3.42 -33.81
CA ASP A 160 -0.06 3.31 -33.58
C ASP A 160 -0.69 2.10 -34.28
N LEU A 161 0.14 1.18 -34.76
CA LEU A 161 -0.37 0.06 -35.55
C LEU A 161 -1.05 -1.01 -34.71
N GLY A 162 -2.14 -1.57 -35.24
CA GLY A 162 -2.82 -2.70 -34.62
C GLY A 162 -2.19 -4.03 -34.96
N PRO A 163 -2.77 -5.13 -34.46
CA PRO A 163 -2.17 -6.47 -34.59
C PRO A 163 -1.84 -6.88 -36.03
N ASP A 164 -2.76 -6.66 -36.98
CA ASP A 164 -2.54 -7.07 -38.36
C ASP A 164 -1.33 -6.35 -38.95
N LEU A 165 -1.27 -5.05 -38.71
CA LEU A 165 -0.22 -4.22 -39.30
C LEU A 165 1.13 -4.43 -38.63
N VAL A 166 1.14 -4.71 -37.33
CA VAL A 166 2.40 -5.07 -36.67
C VAL A 166 2.95 -6.37 -37.25
N ALA A 167 2.07 -7.33 -37.50
CA ALA A 167 2.46 -8.58 -38.15
C ALA A 167 3.07 -8.31 -39.51
N ARG A 168 2.44 -7.41 -40.26
CA ARG A 168 2.94 -7.05 -41.57
C ARG A 168 4.29 -6.35 -41.50
N SER A 169 4.45 -5.48 -40.52
CA SER A 169 5.72 -4.79 -40.32
C SER A 169 6.83 -5.81 -40.07
N LEU A 170 6.55 -6.77 -39.20
CA LEU A 170 7.52 -7.82 -38.88
C LEU A 170 7.91 -8.59 -40.15
N ALA A 171 6.91 -9.02 -40.91
CA ALA A 171 7.18 -9.81 -42.11
C ALA A 171 7.98 -9.01 -43.16
N GLU A 172 7.62 -7.75 -43.35
CA GLU A 172 8.18 -6.97 -44.46
C GLU A 172 9.44 -6.18 -44.13
N VAL A 173 9.56 -5.71 -42.88
CA VAL A 173 10.70 -4.90 -42.47
C VAL A 173 11.67 -5.69 -41.60
N GLY A 174 11.13 -6.63 -40.83
CA GLY A 174 11.94 -7.47 -39.96
C GLY A 174 11.83 -7.02 -38.52
N ILE A 175 11.00 -5.99 -38.29
CA ILE A 175 10.77 -5.50 -36.94
C ILE A 175 9.35 -5.00 -36.84
N GLY A 176 8.75 -5.18 -35.66
CA GLY A 176 7.42 -4.67 -35.38
C GLY A 176 7.46 -4.01 -34.01
N PHE A 177 6.62 -3.01 -33.82
CA PHE A 177 6.55 -2.34 -32.53
C PHE A 177 5.13 -2.38 -32.01
N CYS A 178 4.96 -3.00 -30.84
CA CYS A 178 3.68 -3.07 -30.15
C CYS A 178 3.61 -1.97 -29.10
N PHE A 179 2.79 -0.97 -29.35
CA PHE A 179 2.61 0.14 -28.41
C PHE A 179 1.70 -0.36 -27.29
N ALA A 180 2.23 -0.36 -26.07
CA ALA A 180 1.54 -0.99 -24.95
C ALA A 180 0.08 -0.58 -24.74
N PRO A 181 -0.21 0.74 -24.73
CA PRO A 181 -1.61 1.15 -24.55
C PRO A 181 -2.53 0.63 -25.64
N ARG A 182 -2.02 0.48 -26.86
CA ARG A 182 -2.83 -0.02 -27.98
C ARG A 182 -3.21 -1.50 -27.83
N PHE A 183 -2.33 -2.29 -27.21
CA PHE A 183 -2.57 -3.73 -27.09
C PHE A 183 -3.12 -4.17 -25.74
N HIS A 184 -3.01 -3.29 -24.75
CA HIS A 184 -3.49 -3.57 -23.40
C HIS A 184 -4.48 -2.51 -22.92
N PRO A 185 -5.55 -2.27 -23.69
CA PRO A 185 -6.45 -1.17 -23.31
C PRO A 185 -7.11 -1.35 -21.94
N SER A 186 -7.36 -2.60 -21.53
CA SER A 186 -8.02 -2.91 -20.26
C SER A 186 -7.16 -2.61 -19.03
N TYR A 187 -5.88 -2.28 -19.25
CA TYR A 187 -4.94 -1.95 -18.20
C TYR A 187 -5.03 -0.47 -17.81
N ARG A 188 -5.90 0.28 -18.49
CA ARG A 188 -5.96 1.74 -18.32
C ARG A 188 -6.18 2.21 -16.88
N HIS A 189 -6.93 1.43 -16.08
CA HIS A 189 -7.17 1.79 -14.69
C HIS A 189 -5.90 1.62 -13.87
N ALA A 190 -5.16 0.54 -14.12
CA ALA A 190 -3.89 0.34 -13.42
C ALA A 190 -2.86 1.39 -13.84
N ALA A 191 -2.84 1.72 -15.12
CA ALA A 191 -1.88 2.69 -15.64
C ALA A 191 -2.11 4.06 -15.00
N ALA A 192 -3.37 4.40 -14.81
CA ALA A 192 -3.74 5.65 -14.15
C ALA A 192 -3.26 5.67 -12.71
N VAL A 193 -3.53 4.61 -11.97
CA VAL A 193 -3.05 4.50 -10.58
C VAL A 193 -1.52 4.60 -10.50
N ARG A 194 -0.81 3.93 -11.42
CA ARG A 194 0.66 4.02 -11.41
C ARG A 194 1.12 5.47 -11.47
N ARG A 195 0.50 6.25 -12.34
N ARG A 195 0.50 6.25 -12.34
CA ARG A 195 0.83 7.67 -12.48
CA ARG A 195 0.84 7.67 -12.48
C ARG A 195 0.51 8.45 -11.23
C ARG A 195 0.50 8.46 -11.24
N GLU A 196 -0.65 8.16 -10.64
CA GLU A 196 -1.11 8.92 -9.46
C GLU A 196 -0.22 8.76 -8.25
N ILE A 197 0.25 7.55 -7.99
CA ILE A 197 1.07 7.32 -6.80
C ILE A 197 2.56 7.60 -7.04
N GLY A 198 3.00 7.49 -8.27
CA GLY A 198 4.35 7.89 -8.64
C GLY A 198 5.46 6.91 -8.26
N VAL A 199 5.30 6.27 -7.11
CA VAL A 199 6.30 5.34 -6.59
C VAL A 199 6.33 4.07 -7.45
N PRO A 200 7.53 3.51 -7.72
CA PRO A 200 7.56 2.24 -8.44
C PRO A 200 6.93 1.13 -7.61
N THR A 201 6.26 0.20 -8.28
CA THR A 201 5.67 -0.96 -7.60
C THR A 201 5.89 -2.19 -8.48
N VAL A 202 5.33 -3.32 -8.06
CA VAL A 202 5.38 -4.55 -8.85
C VAL A 202 4.80 -4.32 -10.24
N PHE A 203 3.91 -3.33 -10.38
CA PHE A 203 3.29 -3.03 -11.68
C PHE A 203 4.34 -2.61 -12.70
N ASN A 204 5.43 -2.00 -12.23
CA ASN A 204 6.50 -1.53 -13.11
C ASN A 204 7.27 -2.65 -13.79
N LEU A 205 7.08 -3.88 -13.32
CA LEU A 205 7.69 -5.07 -13.92
C LEU A 205 6.89 -5.59 -15.12
N LEU A 206 5.66 -5.13 -15.27
CA LEU A 206 4.72 -5.83 -16.15
C LEU A 206 4.94 -5.62 -17.65
N GLY A 207 5.39 -4.43 -18.05
CA GLY A 207 5.66 -4.14 -19.44
C GLY A 207 6.55 -5.17 -20.14
N PRO A 208 7.77 -5.40 -19.62
CA PRO A 208 8.62 -6.39 -20.29
C PRO A 208 8.04 -7.80 -20.24
N LEU A 209 7.09 -8.06 -19.34
CA LEU A 209 6.57 -9.42 -19.20
C LEU A 209 5.28 -9.63 -19.98
N THR A 210 4.78 -8.59 -20.65
CA THR A 210 3.48 -8.70 -21.30
C THR A 210 3.48 -8.28 -22.79
N ASN A 211 4.60 -8.50 -23.47
CA ASN A 211 4.62 -8.31 -24.93
C ASN A 211 3.54 -9.20 -25.58
N PRO A 212 2.56 -8.56 -26.26
CA PRO A 212 1.39 -9.30 -26.77
C PRO A 212 1.72 -10.30 -27.88
N ALA A 213 2.88 -10.16 -28.50
CA ALA A 213 3.32 -11.10 -29.54
C ALA A 213 3.97 -12.33 -28.92
N ARG A 214 4.16 -12.28 -27.59
CA ARG A 214 4.75 -13.39 -26.82
C ARG A 214 6.04 -13.97 -27.38
N PRO A 215 7.03 -13.12 -27.66
CA PRO A 215 8.29 -13.67 -28.16
C PRO A 215 8.97 -14.51 -27.08
N ARG A 216 9.71 -15.53 -27.50
CA ARG A 216 10.36 -16.45 -26.58
C ARG A 216 11.78 -16.06 -26.16
N ALA A 217 12.31 -14.98 -26.71
CA ALA A 217 13.65 -14.52 -26.33
C ALA A 217 13.64 -13.02 -26.07
N GLY A 218 14.62 -12.55 -25.32
CA GLY A 218 14.69 -11.13 -25.06
C GLY A 218 15.86 -10.67 -24.23
N LEU A 219 16.24 -9.41 -24.42
CA LEU A 219 17.13 -8.70 -23.49
C LEU A 219 16.27 -7.76 -22.70
N ILE A 220 16.15 -8.03 -21.40
CA ILE A 220 15.16 -7.38 -20.55
C ILE A 220 15.82 -6.58 -19.44
N GLY A 221 15.65 -5.26 -19.46
CA GLY A 221 16.27 -4.40 -18.46
C GLY A 221 15.39 -4.25 -17.23
N CYS A 222 16.00 -4.22 -16.05
CA CYS A 222 15.26 -4.03 -14.81
C CYS A 222 15.98 -3.01 -13.94
N ALA A 223 15.32 -1.90 -13.63
CA ALA A 223 15.97 -0.83 -12.87
C ALA A 223 16.07 -1.18 -11.39
N PHE A 224 15.27 -2.15 -10.99
CA PHE A 224 15.12 -2.45 -9.57
C PHE A 224 15.87 -3.73 -9.24
N ALA A 225 17.05 -3.57 -8.64
CA ALA A 225 17.93 -4.72 -8.40
C ALA A 225 17.26 -5.83 -7.59
N ASP A 226 16.37 -5.44 -6.68
CA ASP A 226 15.70 -6.40 -5.81
C ASP A 226 14.53 -7.15 -6.47
N LEU A 227 14.19 -6.77 -7.70
CA LEU A 227 13.07 -7.41 -8.40
C LEU A 227 13.53 -8.12 -9.67
N ALA A 228 14.79 -7.99 -10.03
CA ALA A 228 15.29 -8.61 -11.25
C ALA A 228 15.23 -10.14 -11.23
N GLU A 229 15.51 -10.74 -10.08
CA GLU A 229 15.50 -12.19 -9.97
C GLU A 229 14.08 -12.74 -10.13
N VAL A 230 13.11 -11.97 -9.64
CA VAL A 230 11.70 -12.33 -9.78
C VAL A 230 11.26 -12.27 -11.24
N MET A 231 11.69 -11.25 -11.97
CA MET A 231 11.39 -11.20 -13.40
C MET A 231 11.99 -12.39 -14.12
N ALA A 232 13.23 -12.73 -13.79
CA ALA A 232 13.91 -13.87 -14.38
C ALA A 232 13.11 -15.14 -14.14
N GLY A 233 12.56 -15.26 -12.93
CA GLY A 233 11.76 -16.42 -12.58
C GLY A 233 10.50 -16.56 -13.42
N VAL A 234 9.86 -15.45 -13.73
CA VAL A 234 8.70 -15.48 -14.60
C VAL A 234 9.08 -15.97 -16.00
N PHE A 235 10.19 -15.48 -16.54
CA PHE A 235 10.63 -15.93 -17.85
C PHE A 235 11.03 -17.40 -17.83
N ALA A 236 11.61 -17.83 -16.72
CA ALA A 236 12.03 -19.22 -16.56
C ALA A 236 10.82 -20.15 -16.60
N ALA A 237 9.73 -19.74 -15.95
CA ALA A 237 8.49 -20.51 -15.94
C ALA A 237 7.93 -20.71 -17.36
N ARG A 238 8.12 -19.71 -18.22
CA ARG A 238 7.67 -19.75 -19.60
C ARG A 238 8.63 -20.43 -20.53
N ARG A 239 9.78 -20.83 -19.98
CA ARG A 239 10.88 -21.37 -20.77
C ARG A 239 11.31 -20.46 -21.92
N SER A 240 11.44 -19.19 -21.60
CA SER A 240 12.02 -18.24 -22.54
C SER A 240 13.53 -18.29 -22.45
N SER A 241 14.19 -17.82 -23.50
CA SER A 241 15.63 -17.56 -23.41
C SER A 241 15.84 -16.06 -23.25
N VAL A 242 16.15 -15.61 -22.05
CA VAL A 242 16.22 -14.19 -21.75
C VAL A 242 17.48 -13.86 -20.92
N LEU A 243 18.04 -12.68 -21.15
CA LEU A 243 18.96 -12.08 -20.19
C LEU A 243 18.25 -10.94 -19.51
N VAL A 244 18.04 -11.06 -18.20
CA VAL A 244 17.53 -9.93 -17.43
C VAL A 244 18.72 -9.14 -16.91
N VAL A 245 18.79 -7.86 -17.25
CA VAL A 245 19.99 -7.08 -16.93
C VAL A 245 19.77 -5.87 -16.05
N HIS A 246 20.71 -5.64 -15.15
CA HIS A 246 20.71 -4.47 -14.27
C HIS A 246 22.13 -3.94 -14.23
N GLY A 247 22.33 -2.73 -14.75
CA GLY A 247 23.64 -2.11 -14.70
C GLY A 247 23.93 -1.74 -13.25
N ASP A 248 25.18 -1.93 -12.83
CA ASP A 248 25.52 -1.70 -11.43
C ASP A 248 25.61 -0.21 -11.09
N ASP A 249 25.39 0.63 -12.11
CA ASP A 249 25.20 2.07 -11.93
C ASP A 249 23.70 2.42 -11.85
N GLY A 250 22.85 1.40 -11.98
CA GLY A 250 21.41 1.60 -11.86
C GLY A 250 20.63 1.59 -13.18
N LEU A 251 21.35 1.54 -14.30
CA LEU A 251 20.70 1.50 -15.62
C LEU A 251 19.82 0.26 -15.79
N ASP A 252 18.67 0.40 -16.44
CA ASP A 252 17.88 -0.78 -16.83
C ASP A 252 18.34 -1.27 -18.21
N GLU A 253 19.66 -1.31 -18.39
CA GLU A 253 20.28 -1.73 -19.65
C GLU A 253 21.62 -2.32 -19.26
N LEU A 254 22.27 -3.01 -20.19
CA LEU A 254 23.68 -3.34 -20.01
C LEU A 254 24.44 -2.02 -20.10
N THR A 255 25.16 -1.68 -19.04
CA THR A 255 25.87 -0.40 -19.02
C THR A 255 27.31 -0.49 -19.53
N THR A 256 27.88 0.67 -19.85
CA THR A 256 29.27 0.78 -20.24
C THR A 256 30.09 1.52 -19.17
N THR A 257 29.42 2.00 -18.12
CA THR A 257 30.11 2.81 -17.09
C THR A 257 30.72 1.97 -15.96
N THR A 258 30.22 0.74 -15.82
CA THR A 258 30.73 -0.21 -14.83
C THR A 258 30.26 -1.61 -15.19
N THR A 259 30.25 -2.53 -14.22
CA THR A 259 29.79 -3.89 -14.48
C THR A 259 28.26 -3.93 -14.48
N SER A 260 27.70 -5.04 -14.97
CA SER A 260 26.26 -5.25 -14.92
C SER A 260 25.98 -6.60 -14.27
N THR A 261 24.83 -6.70 -13.62
CA THR A 261 24.38 -8.00 -13.14
C THR A 261 23.42 -8.57 -14.17
N ILE A 262 23.64 -9.81 -14.56
CA ILE A 262 22.75 -10.50 -15.50
C ILE A 262 22.17 -11.75 -14.87
N TRP A 263 20.84 -11.87 -14.94
CA TRP A 263 20.21 -13.11 -14.55
C TRP A 263 19.95 -13.83 -15.84
N ARG A 264 20.74 -14.87 -16.10
CA ARG A 264 20.62 -15.59 -17.37
C ARG A 264 19.55 -16.68 -17.28
N VAL A 265 18.57 -16.62 -18.19
CA VAL A 265 17.46 -17.57 -18.16
C VAL A 265 17.51 -18.46 -19.39
N ALA A 266 17.66 -19.77 -19.17
CA ALA A 266 17.57 -20.74 -20.25
C ALA A 266 17.33 -22.13 -19.68
N ALA A 267 16.67 -22.98 -20.46
CA ALA A 267 16.26 -24.31 -20.00
C ALA A 267 15.45 -24.28 -18.70
N GLY A 268 14.71 -23.19 -18.47
CA GLY A 268 13.83 -23.08 -17.32
C GLY A 268 14.58 -22.78 -16.03
N SER A 269 15.87 -22.46 -16.17
CA SER A 269 16.75 -22.20 -15.05
C SER A 269 17.28 -20.77 -15.08
N VAL A 270 17.58 -20.22 -13.91
CA VAL A 270 18.15 -18.88 -13.78
C VAL A 270 19.50 -19.00 -13.10
N ASP A 271 20.51 -18.31 -13.62
CA ASP A 271 21.73 -18.13 -12.85
C ASP A 271 22.25 -16.70 -12.93
N LYS A 272 22.76 -16.21 -11.80
CA LYS A 272 23.19 -14.83 -11.70
C LYS A 272 24.67 -14.70 -12.04
N LEU A 273 24.99 -13.77 -12.94
CA LEU A 273 26.37 -13.52 -13.37
C LEU A 273 26.71 -12.05 -13.19
N THR A 274 27.99 -11.75 -13.00
CA THR A 274 28.47 -10.37 -13.13
C THR A 274 29.13 -10.23 -14.50
N PHE A 275 28.82 -9.14 -15.20
CA PHE A 275 29.27 -8.95 -16.58
C PHE A 275 30.12 -7.67 -16.69
N ASP A 276 31.32 -7.81 -17.25
CA ASP A 276 32.21 -6.65 -17.43
C ASP A 276 32.52 -6.47 -18.90
N PRO A 277 31.99 -5.39 -19.50
CA PRO A 277 32.21 -5.17 -20.93
C PRO A 277 33.68 -4.86 -21.24
N ALA A 278 34.46 -4.51 -20.22
CA ALA A 278 35.91 -4.32 -20.39
C ALA A 278 36.56 -5.61 -20.89
N GLY A 279 35.92 -6.73 -20.61
CA GLY A 279 36.40 -8.03 -21.07
C GLY A 279 36.31 -8.20 -22.57
N PHE A 280 35.55 -7.35 -23.24
CA PHE A 280 35.46 -7.40 -24.70
C PHE A 280 36.07 -6.15 -25.34
N GLY A 281 36.83 -5.39 -24.55
CA GLY A 281 37.56 -4.25 -25.05
C GLY A 281 36.81 -2.93 -25.06
N PHE A 282 35.75 -2.85 -24.25
CA PHE A 282 34.98 -1.62 -24.15
C PHE A 282 35.59 -0.65 -23.16
N ALA A 283 35.89 0.56 -23.64
CA ALA A 283 36.34 1.62 -22.76
C ALA A 283 35.25 1.95 -21.75
N ARG A 284 35.65 2.35 -20.56
CA ARG A 284 34.68 2.79 -19.56
C ARG A 284 34.14 4.15 -19.96
N ALA A 285 32.83 4.31 -19.84
CA ALA A 285 32.20 5.60 -20.10
C ALA A 285 31.76 6.24 -18.80
N GLN A 286 31.45 7.52 -18.86
CA GLN A 286 30.79 8.21 -17.75
C GLN A 286 29.31 8.29 -18.08
N LEU A 287 28.48 8.23 -17.06
CA LEU A 287 27.03 8.24 -17.23
C LEU A 287 26.56 9.48 -17.98
N ASP A 288 27.31 10.57 -17.81
CA ASP A 288 27.02 11.82 -18.52
C ASP A 288 27.01 11.63 -20.04
N GLN A 289 27.86 10.72 -20.52
CA GLN A 289 28.03 10.52 -21.95
C GLN A 289 26.85 9.80 -22.61
N LEU A 290 25.95 9.26 -21.79
CA LEU A 290 24.78 8.52 -22.30
C LEU A 290 23.49 9.30 -22.11
N ALA A 291 23.60 10.51 -21.59
CA ALA A 291 22.42 11.31 -21.23
C ALA A 291 21.54 11.62 -22.44
N GLY A 292 20.24 11.60 -22.21
CA GLY A 292 19.29 11.85 -23.28
C GLY A 292 18.70 13.24 -23.20
N GLY A 293 17.87 13.58 -24.17
CA GLY A 293 17.18 14.85 -24.21
C GLY A 293 15.72 14.65 -24.55
N ASP A 294 15.12 15.62 -25.22
CA ASP A 294 13.74 15.45 -25.66
C ASP A 294 13.68 14.47 -26.83
N ALA A 295 12.49 14.26 -27.38
CA ALA A 295 12.32 13.26 -28.44
C ALA A 295 13.15 13.59 -29.66
N GLN A 296 13.21 14.88 -30.00
CA GLN A 296 13.96 15.33 -31.16
C GLN A 296 15.46 15.10 -30.97
N ALA A 297 15.95 15.33 -29.76
CA ALA A 297 17.37 15.10 -29.47
C ALA A 297 17.71 13.62 -29.51
N ASN A 298 16.87 12.79 -28.92
CA ASN A 298 17.12 11.35 -28.86
C ASN A 298 17.02 10.71 -30.23
N ALA A 299 16.13 11.24 -31.06
CA ALA A 299 16.04 10.83 -32.46
C ALA A 299 17.36 11.14 -33.17
N ALA A 300 17.94 12.30 -32.90
CA ALA A 300 19.23 12.65 -33.52
C ALA A 300 20.34 11.71 -33.05
N ALA A 301 20.26 11.27 -31.80
CA ALA A 301 21.22 10.31 -31.29
C ALA A 301 21.08 8.98 -32.05
N VAL A 302 19.85 8.59 -32.37
CA VAL A 302 19.64 7.36 -33.15
C VAL A 302 20.29 7.51 -34.53
N ARG A 303 19.97 8.59 -35.22
CA ARG A 303 20.52 8.82 -36.55
C ARG A 303 22.05 8.86 -36.54
N ALA A 304 22.61 9.48 -35.52
CA ALA A 304 24.07 9.56 -35.40
C ALA A 304 24.70 8.17 -35.29
N VAL A 305 24.15 7.33 -34.41
CA VAL A 305 24.71 5.98 -34.23
C VAL A 305 24.60 5.13 -35.48
N LEU A 306 23.42 5.12 -36.10
CA LEU A 306 23.20 4.29 -37.27
C LEU A 306 24.02 4.80 -38.46
N GLY A 307 24.39 6.07 -38.40
CA GLY A 307 25.22 6.68 -39.43
C GLY A 307 26.70 6.42 -39.25
N GLY A 308 27.05 5.75 -38.16
CA GLY A 308 28.41 5.33 -37.94
C GLY A 308 29.21 6.16 -36.96
N ALA A 309 28.56 7.09 -36.27
CA ALA A 309 29.25 7.90 -35.28
C ALA A 309 29.84 7.03 -34.17
N ARG A 310 31.14 7.17 -33.96
CA ARG A 310 31.84 6.41 -32.93
C ARG A 310 31.77 7.17 -31.63
N GLY A 311 31.91 6.46 -30.52
CA GLY A 311 31.83 7.09 -29.22
C GLY A 311 31.04 6.23 -28.27
N PRO A 312 30.79 6.73 -27.06
CA PRO A 312 30.17 5.92 -26.01
C PRO A 312 28.73 5.46 -26.30
N VAL A 313 27.95 6.24 -27.03
CA VAL A 313 26.57 5.82 -27.29
C VAL A 313 26.57 4.59 -28.20
N ARG A 314 27.35 4.64 -29.28
CA ARG A 314 27.49 3.48 -30.16
C ARG A 314 27.91 2.24 -29.38
N ASP A 315 28.92 2.40 -28.51
CA ASP A 315 29.41 1.30 -27.70
C ASP A 315 28.29 0.65 -26.90
N ALA A 316 27.48 1.46 -26.23
CA ALA A 316 26.36 0.95 -25.41
C ALA A 316 25.29 0.28 -26.29
N VAL A 317 25.01 0.84 -27.45
CA VAL A 317 24.07 0.22 -28.38
C VAL A 317 24.57 -1.15 -28.87
N VAL A 318 25.83 -1.22 -29.29
CA VAL A 318 26.42 -2.49 -29.75
C VAL A 318 26.42 -3.55 -28.65
N LEU A 319 26.76 -3.13 -27.43
CA LEU A 319 26.75 -4.03 -26.29
C LEU A 319 25.37 -4.64 -26.06
N ASN A 320 24.35 -3.78 -26.05
CA ASN A 320 22.98 -4.25 -25.81
C ASN A 320 22.42 -5.05 -27.00
N ALA A 321 22.76 -4.64 -28.22
CA ALA A 321 22.35 -5.45 -29.38
C ALA A 321 22.96 -6.84 -29.29
N ALA A 322 24.23 -6.91 -28.90
CA ALA A 322 24.89 -8.19 -28.80
C ALA A 322 24.23 -9.04 -27.72
N GLY A 323 23.83 -8.40 -26.62
CA GLY A 323 23.10 -9.09 -25.57
C GLY A 323 21.83 -9.75 -26.07
N ALA A 324 21.06 -9.04 -26.91
CA ALA A 324 19.83 -9.60 -27.47
C ALA A 324 20.13 -10.75 -28.41
N ILE A 325 21.20 -10.62 -29.17
CA ILE A 325 21.60 -11.73 -30.04
C ILE A 325 22.03 -12.96 -29.25
N VAL A 326 22.67 -12.76 -28.11
CA VAL A 326 23.05 -13.88 -27.24
C VAL A 326 21.80 -14.57 -26.71
N ALA A 327 20.80 -13.78 -26.33
CA ALA A 327 19.54 -14.37 -25.86
C ALA A 327 18.85 -15.16 -26.98
N HIS A 328 18.92 -14.66 -28.21
CA HIS A 328 18.34 -15.36 -29.35
C HIS A 328 19.08 -16.69 -29.56
N ALA A 329 20.41 -16.64 -29.44
CA ALA A 329 21.25 -17.83 -29.59
C ALA A 329 20.86 -18.91 -28.58
N GLY A 330 20.48 -18.46 -27.37
CA GLY A 330 20.10 -19.34 -26.28
C GLY A 330 18.85 -20.17 -26.54
N LEU A 331 18.12 -19.87 -27.60
CA LEU A 331 16.97 -20.70 -27.94
C LEU A 331 17.43 -22.10 -28.39
N SER A 332 18.74 -22.25 -28.58
CA SER A 332 19.36 -23.56 -28.81
C SER A 332 20.14 -24.04 -27.59
N SER A 333 19.93 -25.30 -27.20
CA SER A 333 20.58 -25.87 -26.02
C SER A 333 22.08 -26.08 -26.20
N ARG A 334 22.59 -25.83 -27.40
CA ARG A 334 24.00 -26.04 -27.71
C ARG A 334 24.84 -24.76 -27.58
N ALA A 335 24.17 -23.62 -27.44
CA ALA A 335 24.85 -22.32 -27.38
C ALA A 335 25.86 -22.22 -26.22
N GLU A 336 26.92 -21.44 -26.43
CA GLU A 336 27.97 -21.26 -25.43
C GLU A 336 28.31 -19.78 -25.21
N TRP A 337 28.41 -19.38 -23.93
CA TRP A 337 28.44 -17.97 -23.50
C TRP A 337 29.45 -17.06 -24.20
N LEU A 338 30.74 -17.36 -24.08
CA LEU A 338 31.76 -16.47 -24.67
C LEU A 338 31.75 -16.42 -26.21
N PRO A 339 31.69 -17.59 -26.89
CA PRO A 339 31.52 -17.55 -28.34
C PRO A 339 30.27 -16.78 -28.77
N ALA A 340 29.16 -16.97 -28.05
CA ALA A 340 27.92 -16.27 -28.39
C ALA A 340 28.09 -14.76 -28.32
N TRP A 341 28.76 -14.28 -27.29
CA TRP A 341 29.00 -12.84 -27.14
C TRP A 341 29.90 -12.33 -28.25
N GLU A 342 30.94 -13.09 -28.59
CA GLU A 342 31.86 -12.65 -29.63
C GLU A 342 31.14 -12.55 -30.97
N GLU A 343 30.30 -13.53 -31.26
CA GLU A 343 29.51 -13.50 -32.48
C GLU A 343 28.45 -12.40 -32.45
N GLY A 344 27.81 -12.21 -31.31
CA GLY A 344 26.80 -11.17 -31.17
C GLY A 344 27.39 -9.78 -31.41
N LEU A 345 28.57 -9.57 -30.86
CA LEU A 345 29.26 -8.29 -31.04
C LEU A 345 29.68 -8.09 -32.51
N ARG A 346 30.15 -9.15 -33.16
CA ARG A 346 30.50 -9.07 -34.58
C ARG A 346 29.30 -8.71 -35.42
N ARG A 347 28.18 -9.37 -35.14
CA ARG A 347 26.97 -9.16 -35.94
C ARG A 347 26.38 -7.79 -35.71
N ALA A 348 26.39 -7.34 -34.45
CA ALA A 348 25.85 -6.01 -34.11
C ALA A 348 26.68 -4.92 -34.78
N SER A 349 27.99 -5.01 -34.66
CA SER A 349 28.87 -4.03 -35.29
C SER A 349 28.72 -4.04 -36.80
N ALA A 350 28.67 -5.23 -37.40
CA ALA A 350 28.50 -5.31 -38.85
C ALA A 350 27.17 -4.75 -39.34
N ALA A 351 26.09 -4.98 -38.59
CA ALA A 351 24.79 -4.45 -38.97
C ALA A 351 24.82 -2.93 -39.08
N ILE A 352 25.56 -2.28 -38.20
CA ILE A 352 25.73 -0.84 -38.30
C ILE A 352 26.68 -0.47 -39.45
N ASP A 353 27.87 -1.08 -39.47
CA ASP A 353 28.94 -0.71 -40.40
C ASP A 353 28.59 -0.91 -41.87
N THR A 354 27.78 -1.90 -42.17
CA THR A 354 27.38 -2.16 -43.56
C THR A 354 26.31 -1.21 -44.02
N GLY A 355 25.75 -0.46 -43.07
CA GLY A 355 24.62 0.40 -43.39
C GLY A 355 23.29 -0.31 -43.28
N ALA A 356 23.30 -1.60 -42.93
CA ALA A 356 22.05 -2.36 -42.84
C ALA A 356 21.07 -1.75 -41.84
N ALA A 357 21.58 -1.29 -40.71
CA ALA A 357 20.73 -0.76 -39.64
C ALA A 357 20.11 0.56 -40.06
N GLU A 358 20.92 1.42 -40.67
CA GLU A 358 20.42 2.70 -41.16
C GLU A 358 19.36 2.47 -42.21
N GLN A 359 19.61 1.53 -43.11
CA GLN A 359 18.66 1.25 -44.18
C GLN A 359 17.40 0.61 -43.66
N LEU A 360 17.51 -0.24 -42.63
CA LEU A 360 16.32 -0.85 -42.05
C LEU A 360 15.41 0.21 -41.43
N LEU A 361 15.98 1.17 -40.70
CA LEU A 361 15.16 2.24 -40.14
C LEU A 361 14.46 3.01 -41.26
N ALA A 362 15.18 3.35 -42.33
CA ALA A 362 14.56 4.02 -43.47
C ALA A 362 13.41 3.20 -44.07
N ARG A 363 13.60 1.89 -44.19
CA ARG A 363 12.56 1.05 -44.75
C ARG A 363 11.35 0.94 -43.81
N TRP A 364 11.63 1.00 -42.50
CA TRP A 364 10.57 0.94 -41.49
C TRP A 364 9.69 2.19 -41.58
N VAL A 365 10.34 3.34 -41.73
CA VAL A 365 9.62 4.62 -41.89
C VAL A 365 8.76 4.60 -43.16
N ARG A 366 9.36 4.14 -44.24
CA ARG A 366 8.70 3.97 -45.53
C ARG A 366 7.49 3.04 -45.46
N PHE A 367 7.62 1.92 -44.74
CA PHE A 367 6.53 0.98 -44.58
C PHE A 367 5.29 1.63 -43.99
N GLY A 368 5.47 2.44 -42.95
CA GLY A 368 4.35 3.05 -42.26
C GLY A 368 3.68 4.17 -43.05
N ARG A 369 4.44 4.81 -43.93
CA ARG A 369 3.88 5.88 -44.76
C ARG A 369 3.09 5.34 -45.93
N GLN A 370 3.27 4.05 -46.23
CA GLN A 370 2.62 3.44 -47.38
C GLN A 370 1.49 2.46 -47.04
N ILE A 371 0.89 2.59 -45.85
CA ILE A 371 -0.17 1.68 -45.45
C ILE A 371 -1.49 1.95 -46.17
N PRO B 26 7.69 18.76 0.00
CA PRO B 26 7.21 17.37 0.05
C PRO B 26 6.41 16.99 -1.17
N SER B 27 6.36 15.68 -1.45
CA SER B 27 5.57 15.16 -2.55
C SER B 27 5.15 13.74 -2.22
N TRP B 28 4.10 13.26 -2.89
CA TRP B 28 3.71 11.87 -2.71
C TRP B 28 4.78 10.87 -3.14
N PRO B 29 5.43 11.09 -4.31
CA PRO B 29 6.49 10.14 -4.67
C PRO B 29 7.62 10.07 -3.63
N GLN B 30 7.96 11.21 -3.03
CA GLN B 30 9.03 11.23 -2.04
C GLN B 30 8.63 10.43 -0.79
N ILE B 31 7.46 10.77 -0.28
CA ILE B 31 6.96 10.14 0.94
C ILE B 31 6.64 8.66 0.74
N LEU B 32 5.88 8.33 -0.29
CA LEU B 32 5.57 6.92 -0.57
C LEU B 32 6.81 6.11 -0.88
N GLY B 33 7.76 6.72 -1.59
CA GLY B 33 8.99 6.03 -1.93
C GLY B 33 9.78 5.69 -0.68
N ARG B 34 9.77 6.63 0.27
CA ARG B 34 10.51 6.44 1.51
C ARG B 34 9.90 5.29 2.30
N LEU B 35 8.57 5.25 2.38
CA LEU B 35 7.89 4.15 3.06
C LEU B 35 8.12 2.78 2.41
N THR B 36 8.07 2.71 1.08
CA THR B 36 8.29 1.43 0.41
C THR B 36 9.74 0.98 0.53
N ASP B 37 10.63 1.91 0.84
CA ASP B 37 12.03 1.60 1.13
C ASP B 37 12.19 1.12 2.57
N ASN B 38 11.07 0.95 3.29
CA ASN B 38 11.10 0.52 4.69
CA ASN B 38 11.11 0.52 4.69
C ASN B 38 11.87 1.48 5.59
N ARG B 39 11.73 2.77 5.32
CA ARG B 39 12.40 3.79 6.14
C ARG B 39 11.36 4.59 6.92
N ASP B 40 11.70 4.97 8.15
CA ASP B 40 10.88 5.92 8.88
C ASP B 40 10.86 7.26 8.12
N LEU B 41 9.76 7.99 8.24
CA LEU B 41 9.64 9.29 7.59
C LEU B 41 10.48 10.36 8.30
N ALA B 42 10.87 11.38 7.57
CA ALA B 42 11.45 12.59 8.17
C ALA B 42 10.38 13.29 8.99
N ARG B 43 10.80 14.00 10.04
CA ARG B 43 9.85 14.77 10.84
C ARG B 43 9.04 15.68 9.92
N GLY B 44 7.72 15.73 10.13
CA GLY B 44 6.83 16.58 9.37
C GLY B 44 6.19 15.94 8.14
N GLN B 45 6.79 14.84 7.65
CA GLN B 45 6.28 14.23 6.42
C GLN B 45 4.92 13.56 6.59
N ALA B 46 4.73 12.83 7.68
CA ALA B 46 3.42 12.23 7.95
C ALA B 46 2.37 13.33 8.10
N ALA B 47 2.73 14.40 8.78
CA ALA B 47 1.83 15.54 8.93
C ALA B 47 1.45 16.15 7.57
N TRP B 48 2.43 16.33 6.69
CA TRP B 48 2.16 16.88 5.36
C TRP B 48 1.18 15.97 4.63
N ALA B 49 1.43 14.66 4.72
CA ALA B 49 0.56 13.70 4.06
C ALA B 49 -0.88 13.80 4.58
N MET B 50 -1.06 13.82 5.90
CA MET B 50 -2.40 13.88 6.47
C MET B 50 -3.07 15.21 6.13
N ASP B 51 -2.29 16.29 6.09
CA ASP B 51 -2.88 17.57 5.74
C ASP B 51 -3.40 17.57 4.30
N GLN B 52 -2.64 16.97 3.39
CA GLN B 52 -3.09 16.83 2.01
C GLN B 52 -4.40 16.05 1.95
N ILE B 53 -4.47 14.98 2.74
CA ILE B 53 -5.68 14.17 2.80
C ILE B 53 -6.90 14.95 3.34
N MET B 54 -6.68 15.73 4.40
CA MET B 54 -7.75 16.50 5.04
C MET B 54 -8.19 17.74 4.27
N THR B 55 -7.36 18.19 3.34
CA THR B 55 -7.69 19.39 2.57
C THR B 55 -8.26 19.04 1.19
N GLY B 56 -8.55 17.76 0.97
CA GLY B 56 -9.12 17.31 -0.29
C GLY B 56 -8.16 17.31 -1.46
N ASN B 57 -6.86 17.32 -1.17
CA ASN B 57 -5.84 17.38 -2.22
C ASN B 57 -5.19 16.06 -2.60
N ALA B 58 -5.62 14.98 -1.96
CA ALA B 58 -5.05 13.66 -2.21
C ALA B 58 -6.02 12.80 -3.03
N ARG B 59 -5.51 12.15 -4.08
CA ARG B 59 -6.31 11.21 -4.85
C ARG B 59 -6.56 9.98 -3.98
N PRO B 60 -7.72 9.33 -4.15
CA PRO B 60 -7.99 8.10 -3.39
C PRO B 60 -6.84 7.10 -3.48
N ALA B 61 -6.22 6.98 -4.65
CA ALA B 61 -5.08 6.07 -4.80
C ALA B 61 -3.90 6.48 -3.92
N GLN B 62 -3.68 7.78 -3.78
CA GLN B 62 -2.61 8.27 -2.91
C GLN B 62 -2.92 8.00 -1.45
N ILE B 63 -4.16 8.28 -1.04
CA ILE B 63 -4.60 7.99 0.33
C ILE B 63 -4.37 6.50 0.66
N ALA B 64 -4.82 5.63 -0.23
CA ALA B 64 -4.70 4.19 0.01
C ALA B 64 -3.23 3.74 0.04
N ALA B 65 -2.43 4.24 -0.90
CA ALA B 65 -1.01 3.88 -0.92
C ALA B 65 -0.33 4.29 0.38
N PHE B 66 -0.67 5.48 0.86
CA PHE B 66 -0.09 5.98 2.09
C PHE B 66 -0.48 5.11 3.30
N ALA B 67 -1.78 4.83 3.43
CA ALA B 67 -2.25 4.04 4.57
C ALA B 67 -1.58 2.66 4.60
N VAL B 68 -1.54 2.01 3.44
CA VAL B 68 -0.93 0.69 3.34
C VAL B 68 0.57 0.71 3.57
N ALA B 69 1.26 1.64 2.93
CA ALA B 69 2.72 1.69 3.04
C ALA B 69 3.17 1.99 4.46
N MET B 70 2.50 2.93 5.11
CA MET B 70 2.88 3.21 6.49
C MET B 70 2.68 1.99 7.38
N THR B 71 1.58 1.26 7.17
CA THR B 71 1.28 0.09 8.01
C THR B 71 2.33 -1.01 7.83
N MET B 72 2.71 -1.28 6.59
CA MET B 72 3.67 -2.34 6.34
C MET B 72 5.11 -1.98 6.70
N LYS B 73 5.43 -0.69 6.71
CA LYS B 73 6.77 -0.25 7.14
C LYS B 73 6.96 -0.48 8.65
N ALA B 74 5.86 -0.37 9.38
CA ALA B 74 5.72 -0.34 10.85
C ALA B 74 5.75 1.10 11.34
N PRO B 75 4.57 1.66 11.65
CA PRO B 75 4.48 3.08 12.03
C PRO B 75 5.16 3.34 13.35
N THR B 76 5.79 4.51 13.50
CA THR B 76 6.39 4.90 14.77
C THR B 76 5.40 5.78 15.49
N ALA B 77 5.61 5.99 16.79
CA ALA B 77 4.73 6.85 17.56
C ALA B 77 4.80 8.29 17.05
N ASP B 78 5.98 8.72 16.61
CA ASP B 78 6.11 10.08 16.08
C ASP B 78 5.21 10.25 14.86
N GLU B 79 5.22 9.25 13.98
CA GLU B 79 4.44 9.32 12.74
C GLU B 79 2.94 9.35 13.02
N VAL B 80 2.48 8.42 13.86
CA VAL B 80 1.06 8.34 14.18
C VAL B 80 0.61 9.61 14.93
N GLY B 81 1.48 10.09 15.81
CA GLY B 81 1.25 11.35 16.48
C GLY B 81 1.06 12.51 15.52
N GLU B 82 1.82 12.52 14.43
CA GLU B 82 1.67 13.57 13.43
C GLU B 82 0.31 13.47 12.73
N LEU B 83 -0.09 12.25 12.39
CA LEU B 83 -1.39 12.03 11.74
C LEU B 83 -2.53 12.52 12.63
N ALA B 84 -2.50 12.12 13.90
CA ALA B 84 -3.57 12.51 14.83
C ALA B 84 -3.57 14.02 15.09
N GLY B 85 -2.36 14.60 15.18
CA GLY B 85 -2.24 16.04 15.39
C GLY B 85 -2.86 16.86 14.27
N VAL B 86 -2.67 16.42 13.02
CA VAL B 86 -3.28 17.09 11.88
C VAL B 86 -4.80 16.97 11.94
N MET B 87 -5.31 15.78 12.25
CA MET B 87 -6.75 15.63 12.40
C MET B 87 -7.32 16.56 13.46
N LEU B 88 -6.67 16.61 14.61
CA LEU B 88 -7.16 17.46 15.69
C LEU B 88 -7.06 18.94 15.30
N SER B 89 -6.05 19.29 14.50
CA SER B 89 -5.91 20.69 14.10
C SER B 89 -7.05 21.13 13.17
N HIS B 90 -7.69 20.16 12.50
CA HIS B 90 -8.79 20.45 11.57
C HIS B 90 -10.17 20.20 12.18
N ALA B 91 -10.20 19.52 13.33
CA ALA B 91 -11.47 19.11 13.93
C ALA B 91 -12.24 20.29 14.52
N HIS B 92 -13.57 20.14 14.61
CA HIS B 92 -14.39 21.08 15.39
C HIS B 92 -14.05 20.93 16.88
N PRO B 93 -13.62 22.02 17.53
CA PRO B 93 -13.30 21.88 18.95
C PRO B 93 -14.51 22.14 19.83
N LEU B 94 -14.43 21.75 21.09
CA LEU B 94 -15.46 22.15 22.05
C LEU B 94 -15.21 23.60 22.46
N PRO B 95 -16.24 24.28 22.98
CA PRO B 95 -16.07 25.68 23.41
C PRO B 95 -15.03 25.79 24.54
N ALA B 96 -14.36 26.94 24.60
CA ALA B 96 -13.38 27.20 25.65
C ALA B 96 -13.93 26.91 27.04
N ASP B 97 -13.13 26.24 27.86
CA ASP B 97 -13.44 26.00 29.27
C ASP B 97 -14.73 25.22 29.51
N THR B 98 -15.01 24.26 28.64
CA THR B 98 -16.19 23.42 28.81
C THR B 98 -15.85 21.95 29.09
N VAL B 99 -14.58 21.60 28.99
CA VAL B 99 -14.15 20.23 29.30
C VAL B 99 -13.28 20.21 30.55
N PRO B 100 -13.72 19.48 31.60
CA PRO B 100 -12.95 19.40 32.85
C PRO B 100 -11.59 18.80 32.60
N ASP B 101 -10.56 19.25 33.32
CA ASP B 101 -9.20 18.77 33.13
C ASP B 101 -9.08 17.26 33.36
N ASP B 102 -10.05 16.68 34.05
CA ASP B 102 -10.00 15.25 34.37
C ASP B 102 -11.00 14.40 33.58
N ALA B 103 -11.52 14.91 32.48
CA ALA B 103 -12.47 14.14 31.68
C ALA B 103 -11.80 12.90 31.11
N VAL B 104 -12.58 11.84 30.93
CA VAL B 104 -12.04 10.59 30.38
C VAL B 104 -12.82 10.12 29.16
N ASP B 105 -12.14 9.33 28.33
CA ASP B 105 -12.76 8.69 27.16
C ASP B 105 -12.72 7.17 27.39
N VAL B 106 -13.66 6.44 26.80
CA VAL B 106 -13.61 4.98 26.79
C VAL B 106 -13.96 4.62 25.37
N VAL B 107 -12.97 4.21 24.59
CA VAL B 107 -13.16 3.98 23.16
C VAL B 107 -12.07 3.04 22.63
N GLY B 108 -12.39 2.27 21.61
CA GLY B 108 -11.43 1.37 20.99
C GLY B 108 -11.37 1.51 19.49
N THR B 109 -10.40 0.82 18.90
CA THR B 109 -10.21 0.83 17.45
C THR B 109 -11.36 0.13 16.73
N GLY B 110 -12.02 -0.80 17.42
CA GLY B 110 -12.91 -1.72 16.75
C GLY B 110 -12.06 -2.70 15.96
N GLY B 111 -12.69 -3.51 15.11
CA GLY B 111 -11.95 -4.40 14.24
C GLY B 111 -11.45 -5.67 14.87
N ASP B 112 -12.02 -6.05 16.02
CA ASP B 112 -11.57 -7.29 16.66
C ASP B 112 -12.25 -8.53 16.09
N GLY B 113 -13.25 -8.31 15.22
CA GLY B 113 -13.89 -9.41 14.50
C GLY B 113 -14.67 -10.38 15.37
N VAL B 114 -15.04 -9.95 16.57
CA VAL B 114 -15.72 -10.82 17.52
C VAL B 114 -17.21 -10.47 17.69
N ASN B 115 -17.58 -9.25 17.33
CA ASN B 115 -18.97 -8.81 17.44
C ASN B 115 -19.49 -9.04 18.86
N THR B 116 -18.98 -8.25 19.80
CA THR B 116 -19.42 -8.35 21.19
C THR B 116 -20.52 -7.33 21.45
N VAL B 117 -21.10 -7.39 22.63
CA VAL B 117 -21.92 -6.28 23.10
C VAL B 117 -21.02 -5.05 23.22
N ASN B 118 -21.63 -3.89 23.45
CA ASN B 118 -20.91 -2.64 23.40
C ASN B 118 -20.28 -2.31 24.75
N LEU B 119 -19.15 -2.96 25.03
CA LEU B 119 -18.51 -2.86 26.34
C LEU B 119 -17.98 -1.47 26.68
N SER B 120 -17.40 -0.76 25.72
CA SER B 120 -16.88 0.58 26.02
C SER B 120 -18.04 1.53 26.33
N THR B 121 -19.11 1.44 25.55
CA THR B 121 -20.26 2.33 25.72
C THR B 121 -20.93 2.11 27.09
N MET B 122 -21.10 0.85 27.47
CA MET B 122 -21.69 0.51 28.76
C MET B 122 -20.80 0.96 29.91
N ALA B 123 -19.50 0.69 29.79
CA ALA B 123 -18.54 1.17 30.77
C ALA B 123 -18.60 2.69 30.92
N ALA B 124 -18.68 3.42 29.80
CA ALA B 124 -18.72 4.88 29.81
C ALA B 124 -19.88 5.41 30.63
N ILE B 125 -21.06 4.83 30.45
CA ILE B 125 -22.24 5.22 31.22
C ILE B 125 -22.00 5.00 32.73
N VAL B 126 -21.45 3.83 33.08
CA VAL B 126 -21.17 3.50 34.49
C VAL B 126 -20.13 4.43 35.09
N VAL B 127 -19.09 4.74 34.32
CA VAL B 127 -18.05 5.65 34.80
C VAL B 127 -18.61 7.04 35.08
N ALA B 128 -19.42 7.56 34.15
CA ALA B 128 -20.04 8.87 34.34
C ALA B 128 -20.93 8.85 35.58
N ALA B 129 -21.65 7.75 35.78
CA ALA B 129 -22.54 7.63 36.93
C ALA B 129 -21.77 7.62 38.23
N ALA B 130 -20.51 7.20 38.15
CA ALA B 130 -19.65 7.22 39.34
C ALA B 130 -19.15 8.64 39.66
N GLY B 131 -19.39 9.59 38.77
CA GLY B 131 -18.92 10.95 39.00
C GLY B 131 -17.66 11.36 38.26
N VAL B 132 -17.17 10.50 37.37
CA VAL B 132 -16.03 10.87 36.53
C VAL B 132 -16.58 11.45 35.23
N PRO B 133 -16.21 12.70 34.88
CA PRO B 133 -16.72 13.27 33.63
C PRO B 133 -16.25 12.49 32.43
N VAL B 134 -17.18 12.14 31.53
CA VAL B 134 -16.85 11.32 30.36
C VAL B 134 -17.20 12.07 29.10
N VAL B 135 -16.23 12.24 28.22
CA VAL B 135 -16.53 12.71 26.87
C VAL B 135 -16.05 11.62 25.92
N LYS B 136 -17.01 10.85 25.40
CA LYS B 136 -16.68 9.67 24.62
C LYS B 136 -16.67 10.00 23.14
N HIS B 137 -15.64 9.53 22.44
CA HIS B 137 -15.59 9.60 20.98
C HIS B 137 -16.14 8.28 20.47
N GLY B 138 -16.88 8.29 19.37
CA GLY B 138 -17.43 7.05 18.87
C GLY B 138 -17.94 7.16 17.45
N ASN B 139 -18.37 6.03 16.90
CA ASN B 139 -18.84 6.00 15.52
C ASN B 139 -19.77 4.80 15.38
N ARG B 140 -20.43 4.69 14.24
CA ARG B 140 -21.19 3.50 13.93
C ARG B 140 -20.28 2.31 13.64
N ALA B 141 -20.87 1.12 13.59
CA ALA B 141 -20.11 -0.11 13.36
C ALA B 141 -19.42 -0.07 12.00
N ALA B 142 -18.24 -0.68 11.94
CA ALA B 142 -17.54 -0.84 10.66
C ALA B 142 -17.64 -2.28 10.18
N SER B 143 -17.46 -3.23 11.10
CA SER B 143 -17.47 -4.65 10.76
C SER B 143 -18.43 -5.44 11.64
N SER B 144 -18.74 -4.90 12.81
CA SER B 144 -19.66 -5.55 13.75
C SER B 144 -21.12 -5.27 13.41
N LEU B 145 -22.03 -5.89 14.15
CA LEU B 145 -23.45 -5.75 13.87
C LEU B 145 -24.00 -4.43 14.42
N SER B 146 -23.41 -3.96 15.53
CA SER B 146 -23.84 -2.69 16.11
C SER B 146 -22.70 -2.04 16.88
N GLY B 147 -22.29 -0.84 16.47
CA GLY B 147 -21.21 -0.14 17.15
C GLY B 147 -21.76 0.73 18.25
N GLY B 148 -20.87 1.43 18.97
CA GLY B 148 -21.28 2.25 20.10
C GLY B 148 -22.36 3.25 19.73
N ALA B 149 -22.14 3.96 18.61
CA ALA B 149 -23.10 4.98 18.17
C ALA B 149 -24.44 4.37 17.77
N ASP B 150 -24.42 3.22 17.10
CA ASP B 150 -25.67 2.54 16.74
C ASP B 150 -26.49 2.18 17.97
N THR B 151 -25.82 1.71 19.00
CA THR B 151 -26.50 1.24 20.19
C THR B 151 -27.05 2.40 21.01
N LEU B 152 -26.30 3.50 21.09
CA LEU B 152 -26.77 4.70 21.78
C LEU B 152 -28.01 5.25 21.08
N GLU B 153 -27.99 5.21 19.74
CA GLU B 153 -29.14 5.64 18.95
C GLU B 153 -30.37 4.80 19.27
N ALA B 154 -30.18 3.49 19.36
CA ALA B 154 -31.27 2.57 19.69
C ALA B 154 -31.82 2.79 21.10
N LEU B 155 -30.96 3.27 22.00
CA LEU B 155 -31.36 3.59 23.37
C LEU B 155 -32.07 4.95 23.47
N GLY B 156 -32.09 5.71 22.38
CA GLY B 156 -32.73 7.01 22.34
C GLY B 156 -31.84 8.21 22.66
N VAL B 157 -30.53 7.96 22.71
CA VAL B 157 -29.57 9.03 22.94
C VAL B 157 -29.29 9.76 21.62
N ARG B 158 -29.25 11.09 21.67
CA ARG B 158 -28.85 11.87 20.50
C ARG B 158 -27.35 11.73 20.31
N ILE B 159 -26.94 11.13 19.21
CA ILE B 159 -25.52 10.86 19.00
C ILE B 159 -24.81 11.95 18.23
N ASP B 160 -25.53 12.80 17.48
CA ASP B 160 -24.87 13.72 16.56
C ASP B 160 -24.90 15.20 16.95
N LEU B 161 -24.92 15.50 18.24
CA LEU B 161 -24.88 16.88 18.70
C LEU B 161 -23.57 17.58 18.34
N GLY B 162 -23.64 18.89 18.08
CA GLY B 162 -22.47 19.70 17.78
C GLY B 162 -21.74 20.11 19.06
N PRO B 163 -20.63 20.85 18.91
CA PRO B 163 -19.75 21.21 20.03
C PRO B 163 -20.48 21.85 21.23
N ASP B 164 -21.33 22.84 20.99
CA ASP B 164 -21.97 23.52 22.11
C ASP B 164 -22.86 22.58 22.92
N LEU B 165 -23.59 21.72 22.22
CA LEU B 165 -24.52 20.83 22.90
C LEU B 165 -23.83 19.64 23.56
N VAL B 166 -22.70 19.21 23.01
CA VAL B 166 -21.94 18.17 23.69
C VAL B 166 -21.39 18.73 25.00
N ALA B 167 -20.92 19.98 24.96
CA ALA B 167 -20.46 20.66 26.17
C ALA B 167 -21.60 20.74 27.18
N ARG B 168 -22.78 21.10 26.71
CA ARG B 168 -23.95 21.18 27.59
C ARG B 168 -24.31 19.83 28.19
N SER B 169 -24.25 18.79 27.37
CA SER B 169 -24.54 17.44 27.84
C SER B 169 -23.57 17.07 28.95
N LEU B 170 -22.28 17.31 28.73
CA LEU B 170 -21.27 17.00 29.72
C LEU B 170 -21.53 17.72 31.04
N ALA B 171 -21.86 19.00 30.96
CA ALA B 171 -22.12 19.79 32.17
C ALA B 171 -23.39 19.35 32.91
N GLU B 172 -24.46 19.08 32.17
CA GLU B 172 -25.75 18.78 32.78
C GLU B 172 -25.97 17.31 33.13
N VAL B 173 -25.43 16.41 32.30
CA VAL B 173 -25.67 14.98 32.46
C VAL B 173 -24.45 14.29 33.08
N GLY B 174 -23.26 14.74 32.70
CA GLY B 174 -22.03 14.19 33.24
C GLY B 174 -21.34 13.36 32.17
N ILE B 175 -21.96 13.29 31.01
CA ILE B 175 -21.38 12.58 29.87
C ILE B 175 -21.77 13.30 28.59
N GLY B 176 -20.85 13.27 27.61
CA GLY B 176 -21.11 13.79 26.28
C GLY B 176 -20.57 12.80 25.27
N PHE B 177 -21.17 12.74 24.09
CA PHE B 177 -20.74 11.84 23.03
C PHE B 177 -20.40 12.62 21.78
N CYS B 178 -19.14 12.52 21.34
CA CYS B 178 -18.68 13.15 20.10
C CYS B 178 -18.73 12.14 18.98
N PHE B 179 -19.68 12.31 18.07
CA PHE B 179 -19.81 11.45 16.90
C PHE B 179 -18.71 11.81 15.93
N ALA B 180 -17.83 10.85 15.64
CA ALA B 180 -16.63 11.17 14.85
C ALA B 180 -16.90 11.87 13.51
N PRO B 181 -17.91 11.41 12.73
CA PRO B 181 -18.18 12.12 11.47
C PRO B 181 -18.61 13.57 11.66
N ARG B 182 -19.31 13.86 12.75
CA ARG B 182 -19.77 15.23 13.06
C ARG B 182 -18.61 16.18 13.37
N PHE B 183 -17.58 15.67 14.04
CA PHE B 183 -16.46 16.53 14.46
C PHE B 183 -15.26 16.52 13.52
N HIS B 184 -15.19 15.53 12.64
CA HIS B 184 -14.08 15.41 11.69
C HIS B 184 -14.56 15.37 10.24
N PRO B 185 -15.35 16.37 9.80
CA PRO B 185 -15.92 16.28 8.45
C PRO B 185 -14.87 16.21 7.33
N SER B 186 -13.69 16.79 7.53
CA SER B 186 -12.64 16.81 6.51
C SER B 186 -11.95 15.45 6.31
N TYR B 187 -12.22 14.51 7.21
CA TYR B 187 -11.67 13.16 7.11
C TYR B 187 -12.50 12.28 6.17
N ARG B 188 -13.56 12.84 5.60
CA ARG B 188 -14.51 12.03 4.81
C ARG B 188 -13.89 11.23 3.67
N HIS B 189 -12.88 11.80 3.01
CA HIS B 189 -12.21 11.10 1.92
C HIS B 189 -11.41 9.91 2.42
N ALA B 190 -10.70 10.09 3.52
CA ALA B 190 -9.97 8.97 4.13
C ALA B 190 -10.93 7.90 4.65
N ALA B 191 -12.05 8.31 5.22
CA ALA B 191 -13.01 7.35 5.75
C ALA B 191 -13.58 6.49 4.63
N ALA B 192 -13.78 7.09 3.48
CA ALA B 192 -14.26 6.36 2.31
C ALA B 192 -13.22 5.35 1.82
N VAL B 193 -11.98 5.77 1.73
CA VAL B 193 -10.88 4.85 1.38
C VAL B 193 -10.73 3.68 2.36
N ARG B 194 -10.85 3.93 3.66
CA ARG B 194 -10.76 2.83 4.63
C ARG B 194 -11.80 1.74 4.32
N ARG B 195 -13.01 2.17 3.97
CA ARG B 195 -14.10 1.24 3.63
C ARG B 195 -13.83 0.50 2.34
N GLU B 196 -13.31 1.21 1.34
CA GLU B 196 -13.05 0.59 0.04
C GLU B 196 -12.00 -0.52 0.11
N ILE B 197 -10.95 -0.31 0.89
CA ILE B 197 -9.88 -1.31 0.94
C ILE B 197 -10.14 -2.43 1.94
N GLY B 198 -10.91 -2.13 2.99
CA GLY B 198 -11.36 -3.17 3.91
C GLY B 198 -10.36 -3.72 4.90
N VAL B 199 -9.09 -3.70 4.53
CA VAL B 199 -8.00 -4.20 5.37
C VAL B 199 -7.72 -3.15 6.46
N PRO B 200 -7.48 -3.58 7.71
CA PRO B 200 -7.04 -2.60 8.72
C PRO B 200 -5.70 -1.98 8.35
N THR B 201 -5.53 -0.70 8.69
CA THR B 201 -4.27 0.01 8.46
C THR B 201 -4.00 0.92 9.66
N VAL B 202 -2.95 1.73 9.57
CA VAL B 202 -2.64 2.71 10.59
C VAL B 202 -3.83 3.66 10.84
N PHE B 203 -4.67 3.84 9.82
CA PHE B 203 -5.82 4.73 9.93
C PHE B 203 -6.79 4.23 11.01
N ASN B 204 -6.83 2.92 11.23
CA ASN B 204 -7.73 2.35 12.24
C ASN B 204 -7.36 2.75 13.69
N LEU B 205 -6.17 3.31 13.87
CA LEU B 205 -5.73 3.76 15.20
C LEU B 205 -6.24 5.16 15.50
N LEU B 206 -6.67 5.87 14.47
CA LEU B 206 -6.87 7.30 14.58
C LEU B 206 -8.06 7.74 15.43
N GLY B 207 -9.16 6.98 15.37
CA GLY B 207 -10.33 7.30 16.19
C GLY B 207 -10.05 7.54 17.66
N PRO B 208 -9.47 6.54 18.35
CA PRO B 208 -9.21 6.77 19.78
C PRO B 208 -8.19 7.88 20.04
N LEU B 209 -7.41 8.25 19.02
CA LEU B 209 -6.38 9.25 19.21
C LEU B 209 -6.86 10.65 18.87
N THR B 210 -8.10 10.78 18.40
CA THR B 210 -8.55 12.10 17.91
C THR B 210 -9.87 12.59 18.51
N ASN B 211 -10.15 12.23 19.77
CA ASN B 211 -11.29 12.80 20.46
C ASN B 211 -11.15 14.33 20.47
N PRO B 212 -12.14 15.04 19.87
CA PRO B 212 -12.04 16.49 19.65
C PRO B 212 -12.08 17.31 20.93
N ALA B 213 -12.54 16.69 22.02
CA ALA B 213 -12.57 17.36 23.33
C ALA B 213 -11.24 17.24 24.03
N ARG B 214 -10.35 16.42 23.47
CA ARG B 214 -8.99 16.21 23.98
C ARG B 214 -8.88 15.85 25.46
N PRO B 215 -9.65 14.86 25.91
CA PRO B 215 -9.53 14.48 27.32
C PRO B 215 -8.14 13.92 27.62
N ARG B 216 -7.65 14.13 28.85
CA ARG B 216 -6.31 13.72 29.24
C ARG B 216 -6.24 12.30 29.82
N ALA B 217 -7.38 11.65 30.02
CA ALA B 217 -7.38 10.29 30.52
C ALA B 217 -8.24 9.40 29.63
N GLY B 218 -7.98 8.10 29.65
CA GLY B 218 -8.85 7.17 28.95
C GLY B 218 -8.53 5.70 29.10
N LEU B 219 -9.53 4.87 28.82
CA LEU B 219 -9.33 3.42 28.62
C LEU B 219 -9.51 3.18 27.13
N ILE B 220 -8.42 2.79 26.47
CA ILE B 220 -8.33 2.81 25.01
C ILE B 220 -8.07 1.40 24.49
N GLY B 221 -9.04 0.85 23.74
CA GLY B 221 -8.92 -0.51 23.26
C GLY B 221 -8.19 -0.56 21.93
N CYS B 222 -7.38 -1.61 21.74
CA CYS B 222 -6.68 -1.76 20.46
C CYS B 222 -6.78 -3.21 20.02
N ALA B 223 -7.40 -3.45 18.87
CA ALA B 223 -7.59 -4.82 18.40
C ALA B 223 -6.30 -5.39 17.85
N PHE B 224 -5.35 -4.51 17.57
CA PHE B 224 -4.15 -4.93 16.84
C PHE B 224 -2.96 -4.97 17.79
N ALA B 225 -2.58 -6.18 18.18
CA ALA B 225 -1.54 -6.36 19.19
C ALA B 225 -0.25 -5.65 18.84
N ASP B 226 0.07 -5.64 17.54
N ASP B 226 0.10 -5.63 17.56
CA ASP B 226 1.32 -5.05 17.05
CA ASP B 226 1.37 -5.03 17.16
C ASP B 226 1.31 -3.52 16.92
C ASP B 226 1.31 -3.52 16.93
N LEU B 227 0.15 -2.91 17.14
CA LEU B 227 0.02 -1.45 17.02
C LEU B 227 -0.34 -0.81 18.37
N ALA B 228 -0.60 -1.63 19.37
CA ALA B 228 -0.95 -1.09 20.68
C ALA B 228 0.16 -0.26 21.35
N GLU B 229 1.40 -0.73 21.28
CA GLU B 229 2.52 0.01 21.87
C GLU B 229 2.68 1.38 21.21
N VAL B 230 2.46 1.43 19.89
CA VAL B 230 2.54 2.70 19.15
C VAL B 230 1.44 3.69 19.58
N MET B 231 0.22 3.19 19.77
CA MET B 231 -0.84 4.06 20.28
C MET B 231 -0.45 4.58 21.66
N ALA B 232 0.06 3.69 22.51
CA ALA B 232 0.48 4.08 23.84
C ALA B 232 1.52 5.19 23.79
N GLY B 233 2.43 5.08 22.84
CA GLY B 233 3.48 6.06 22.65
C GLY B 233 2.94 7.44 22.29
N VAL B 234 1.91 7.48 21.46
CA VAL B 234 1.26 8.75 21.14
C VAL B 234 0.65 9.41 22.38
N PHE B 235 -0.02 8.62 23.21
CA PHE B 235 -0.61 9.16 24.42
C PHE B 235 0.47 9.63 25.39
N ALA B 236 1.59 8.90 25.44
CA ALA B 236 2.70 9.28 26.32
C ALA B 236 3.24 10.65 25.94
N ALA B 237 3.36 10.89 24.64
CA ALA B 237 3.86 12.17 24.14
C ALA B 237 3.00 13.34 24.61
N ARG B 238 1.69 13.11 24.69
CA ARG B 238 0.71 14.09 25.17
C ARG B 238 0.61 14.17 26.68
N ARG B 239 1.33 13.29 27.37
CA ARG B 239 1.25 13.17 28.83
C ARG B 239 -0.18 12.94 29.31
N SER B 240 -0.88 12.06 28.60
CA SER B 240 -2.17 11.55 29.05
C SER B 240 -1.96 10.45 30.06
N SER B 241 -3.01 10.18 30.84
CA SER B 241 -3.01 8.99 31.69
C SER B 241 -3.97 8.03 31.05
N VAL B 242 -3.45 7.04 30.33
CA VAL B 242 -4.31 6.05 29.67
C VAL B 242 -3.85 4.63 29.91
N LEU B 243 -4.81 3.70 29.87
CA LEU B 243 -4.49 2.30 29.75
C LEU B 243 -4.90 1.91 28.34
N VAL B 244 -3.91 1.53 27.53
CA VAL B 244 -4.21 0.95 26.22
C VAL B 244 -4.31 -0.57 26.41
N VAL B 245 -5.43 -1.14 26.00
CA VAL B 245 -5.73 -2.53 26.33
C VAL B 245 -6.01 -3.41 25.12
N HIS B 246 -5.49 -4.64 25.16
CA HIS B 246 -5.73 -5.64 24.15
C HIS B 246 -5.99 -6.96 24.86
N GLY B 247 -7.21 -7.48 24.75
CA GLY B 247 -7.54 -8.74 25.39
C GLY B 247 -6.75 -9.83 24.68
N ASP B 248 -6.26 -10.81 25.44
CA ASP B 248 -5.41 -11.82 24.83
C ASP B 248 -6.21 -12.81 24.00
N ASP B 249 -7.54 -12.65 24.03
CA ASP B 249 -8.45 -13.33 23.12
C ASP B 249 -8.75 -12.50 21.86
N GLY B 250 -8.14 -11.32 21.75
CA GLY B 250 -8.33 -10.48 20.58
C GLY B 250 -9.24 -9.27 20.75
N LEU B 251 -9.97 -9.22 21.85
CA LEU B 251 -10.88 -8.08 22.10
C LEU B 251 -10.13 -6.76 22.19
N ASP B 252 -10.74 -5.70 21.66
CA ASP B 252 -10.23 -4.35 21.88
C ASP B 252 -10.84 -3.78 23.17
N GLU B 253 -10.87 -4.61 24.21
CA GLU B 253 -11.44 -4.28 25.51
C GLU B 253 -10.66 -5.05 26.57
N LEU B 254 -10.81 -4.71 27.84
CA LEU B 254 -10.38 -5.63 28.89
C LEU B 254 -11.31 -6.82 28.86
N THR B 255 -10.78 -8.02 28.63
CA THR B 255 -11.62 -9.21 28.51
C THR B 255 -11.81 -9.93 29.83
N THR B 256 -12.82 -10.78 29.89
CA THR B 256 -13.04 -11.64 31.05
C THR B 256 -12.80 -13.12 30.70
N THR B 257 -12.43 -13.40 29.46
CA THR B 257 -12.26 -14.79 29.01
C THR B 257 -10.86 -15.31 29.25
N THR B 258 -9.93 -14.40 29.49
CA THR B 258 -8.52 -14.72 29.67
C THR B 258 -7.81 -13.45 30.13
N THR B 259 -6.49 -13.41 30.03
CA THR B 259 -5.72 -12.24 30.40
C THR B 259 -5.85 -11.15 29.33
N SER B 260 -5.46 -9.92 29.69
CA SER B 260 -5.33 -8.83 28.72
C SER B 260 -3.94 -8.22 28.84
N THR B 261 -3.39 -7.74 27.73
CA THR B 261 -2.16 -6.97 27.79
C THR B 261 -2.52 -5.50 27.95
N ILE B 262 -1.87 -4.82 28.88
CA ILE B 262 -2.11 -3.40 29.11
C ILE B 262 -0.81 -2.61 28.93
N TRP B 263 -0.87 -1.58 28.09
CA TRP B 263 0.24 -0.65 28.00
C TRP B 263 -0.17 0.52 28.86
N ARG B 264 0.41 0.61 30.05
CA ARG B 264 0.07 1.65 31.00
C ARG B 264 0.84 2.94 30.71
N VAL B 265 0.12 4.03 30.50
CA VAL B 265 0.74 5.30 30.17
C VAL B 265 0.54 6.30 31.31
N ALA B 266 1.64 6.78 31.88
CA ALA B 266 1.57 7.82 32.91
C ALA B 266 2.94 8.49 33.04
N ALA B 267 2.95 9.75 33.41
CA ALA B 267 4.19 10.54 33.51
C ALA B 267 5.04 10.47 32.24
N GLY B 268 4.39 10.40 31.09
CA GLY B 268 5.07 10.43 29.81
C GLY B 268 5.78 9.14 29.46
N SER B 269 5.52 8.09 30.24
CA SER B 269 6.20 6.82 30.07
C SER B 269 5.21 5.68 29.82
N VAL B 270 5.64 4.66 29.10
CA VAL B 270 4.83 3.48 28.81
C VAL B 270 5.45 2.26 29.47
N ASP B 271 4.65 1.47 30.18
CA ASP B 271 5.15 0.16 30.59
C ASP B 271 4.12 -0.95 30.36
N LYS B 272 4.61 -2.10 29.94
CA LYS B 272 3.73 -3.17 29.49
C LYS B 272 3.42 -4.10 30.65
N LEU B 273 2.15 -4.40 30.82
CA LEU B 273 1.69 -5.29 31.88
C LEU B 273 0.79 -6.37 31.30
N THR B 274 0.65 -7.49 32.00
CA THR B 274 -0.41 -8.44 31.69
C THR B 274 -1.39 -8.39 32.86
N PHE B 275 -2.68 -8.40 32.53
CA PHE B 275 -3.72 -8.23 33.56
C PHE B 275 -4.60 -9.47 33.63
N ASP B 276 -4.83 -9.99 34.83
CA ASP B 276 -5.71 -11.16 34.98
C ASP B 276 -6.86 -10.85 35.94
N PRO B 277 -8.09 -10.82 35.41
CA PRO B 277 -9.25 -10.49 36.24
C PRO B 277 -9.46 -11.49 37.37
N ALA B 278 -8.89 -12.68 37.24
CA ALA B 278 -9.01 -13.70 38.30
C ALA B 278 -8.40 -13.21 39.60
N GLY B 279 -7.42 -12.33 39.50
CA GLY B 279 -6.80 -11.71 40.68
C GLY B 279 -7.76 -10.83 41.46
N PHE B 280 -8.87 -10.43 40.84
CA PHE B 280 -9.90 -9.65 41.53
C PHE B 280 -11.19 -10.42 41.72
N GLY B 281 -11.11 -11.75 41.58
CA GLY B 281 -12.26 -12.59 41.86
C GLY B 281 -13.22 -12.81 40.70
N PHE B 282 -12.84 -12.36 39.51
CA PHE B 282 -13.69 -12.55 38.34
C PHE B 282 -13.63 -13.99 37.82
N ALA B 283 -14.80 -14.59 37.63
CA ALA B 283 -14.86 -15.91 37.02
C ALA B 283 -14.54 -15.80 35.54
N ARG B 284 -14.00 -16.87 34.96
CA ARG B 284 -13.71 -16.89 33.53
C ARG B 284 -15.01 -17.02 32.76
N ALA B 285 -15.13 -16.23 31.69
CA ALA B 285 -16.27 -16.34 30.80
C ALA B 285 -15.83 -16.97 29.49
N GLN B 286 -16.80 -17.42 28.70
CA GLN B 286 -16.56 -17.85 27.33
C GLN B 286 -16.88 -16.68 26.43
N LEU B 287 -16.15 -16.57 25.31
CA LEU B 287 -16.35 -15.45 24.40
C LEU B 287 -17.80 -15.38 23.91
N ASP B 288 -18.43 -16.54 23.73
CA ASP B 288 -19.83 -16.60 23.27
C ASP B 288 -20.77 -15.90 24.25
N GLN B 289 -20.37 -15.81 25.51
CA GLN B 289 -21.19 -15.16 26.52
C GLN B 289 -21.21 -13.63 26.41
N LEU B 290 -20.27 -13.08 25.65
CA LEU B 290 -20.18 -11.64 25.45
C LEU B 290 -20.67 -11.25 24.07
N ALA B 291 -21.22 -12.22 23.34
CA ALA B 291 -21.63 -12.03 21.96
C ALA B 291 -22.71 -10.97 21.83
N GLY B 292 -22.58 -10.13 20.81
CA GLY B 292 -23.57 -9.08 20.55
C GLY B 292 -24.51 -9.45 19.42
N GLY B 293 -25.51 -8.59 19.21
CA GLY B 293 -26.46 -8.80 18.13
C GLY B 293 -26.70 -7.50 17.37
N ASP B 294 -27.91 -7.29 16.90
CA ASP B 294 -28.20 -6.03 16.21
C ASP B 294 -28.33 -4.90 17.23
N ALA B 295 -28.67 -3.71 16.77
CA ALA B 295 -28.68 -2.56 17.69
C ALA B 295 -29.74 -2.72 18.77
N GLN B 296 -30.87 -3.34 18.42
CA GLN B 296 -31.94 -3.54 19.39
C GLN B 296 -31.51 -4.52 20.46
N ALA B 297 -30.83 -5.59 20.04
CA ALA B 297 -30.33 -6.58 20.97
C ALA B 297 -29.30 -5.97 21.92
N ASN B 298 -28.37 -5.20 21.36
CA ASN B 298 -27.30 -4.63 22.18
C ASN B 298 -27.82 -3.55 23.10
N ALA B 299 -28.83 -2.81 22.65
CA ALA B 299 -29.51 -1.87 23.53
C ALA B 299 -30.21 -2.63 24.66
N ALA B 300 -30.79 -3.79 24.36
CA ALA B 300 -31.44 -4.56 25.42
C ALA B 300 -30.41 -5.04 26.42
N ALA B 301 -29.23 -5.37 25.93
CA ALA B 301 -28.12 -5.77 26.80
C ALA B 301 -27.73 -4.64 27.74
N VAL B 302 -27.70 -3.40 27.22
CA VAL B 302 -27.37 -2.24 28.07
C VAL B 302 -28.42 -2.12 29.19
N ARG B 303 -29.69 -2.17 28.81
CA ARG B 303 -30.75 -2.02 29.81
C ARG B 303 -30.70 -3.11 30.86
N ALA B 304 -30.38 -4.34 30.45
CA ALA B 304 -30.28 -5.46 31.39
C ALA B 304 -29.18 -5.22 32.42
N VAL B 305 -27.99 -4.82 31.97
CA VAL B 305 -26.88 -4.56 32.89
C VAL B 305 -27.21 -3.43 33.84
N LEU B 306 -27.72 -2.32 33.30
CA LEU B 306 -27.99 -1.17 34.15
C LEU B 306 -29.12 -1.45 35.13
N GLY B 307 -29.96 -2.42 34.78
CA GLY B 307 -31.05 -2.84 35.63
C GLY B 307 -30.64 -3.84 36.70
N GLY B 308 -29.37 -4.22 36.71
CA GLY B 308 -28.84 -5.07 37.77
C GLY B 308 -28.74 -6.56 37.46
N ALA B 309 -28.91 -6.93 36.19
CA ALA B 309 -28.75 -8.33 35.80
C ALA B 309 -27.31 -8.79 36.03
N ARG B 310 -27.14 -9.89 36.76
CA ARG B 310 -25.82 -10.43 37.02
C ARG B 310 -25.43 -11.40 35.93
N GLY B 311 -24.14 -11.58 35.74
CA GLY B 311 -23.68 -12.54 34.75
C GLY B 311 -22.44 -11.99 34.07
N PRO B 312 -21.98 -12.70 33.05
CA PRO B 312 -20.73 -12.35 32.36
C PRO B 312 -20.71 -10.95 31.76
N VAL B 313 -21.83 -10.47 31.22
CA VAL B 313 -21.82 -9.15 30.59
C VAL B 313 -21.57 -8.08 31.63
N ARG B 314 -22.28 -8.17 32.76
CA ARG B 314 -22.07 -7.23 33.87
C ARG B 314 -20.62 -7.22 34.31
N ASP B 315 -20.05 -8.42 34.51
CA ASP B 315 -18.66 -8.54 34.95
C ASP B 315 -17.72 -7.79 34.01
N ALA B 316 -17.88 -7.99 32.70
CA ALA B 316 -17.03 -7.30 31.72
C ALA B 316 -17.24 -5.79 31.73
N VAL B 317 -18.47 -5.34 31.90
CA VAL B 317 -18.73 -3.90 32.01
C VAL B 317 -18.08 -3.30 33.26
N VAL B 318 -18.22 -3.97 34.40
CA VAL B 318 -17.61 -3.51 35.65
C VAL B 318 -16.09 -3.47 35.55
N LEU B 319 -15.51 -4.49 34.94
CA LEU B 319 -14.07 -4.54 34.75
C LEU B 319 -13.59 -3.36 33.92
N ASN B 320 -14.27 -3.11 32.79
CA ASN B 320 -13.85 -1.99 31.94
C ASN B 320 -14.11 -0.61 32.56
N ALA B 321 -15.24 -0.46 33.25
CA ALA B 321 -15.50 0.80 33.94
C ALA B 321 -14.41 1.05 34.97
N ALA B 322 -14.02 0.01 35.69
CA ALA B 322 -12.98 0.17 36.71
C ALA B 322 -11.65 0.59 36.06
N GLY B 323 -11.31 -0.01 34.92
CA GLY B 323 -10.12 0.38 34.19
C GLY B 323 -10.08 1.87 33.84
N ALA B 324 -11.22 2.40 33.42
CA ALA B 324 -11.30 3.81 33.07
C ALA B 324 -11.16 4.66 34.30
N ILE B 325 -11.70 4.18 35.42
CA ILE B 325 -11.52 4.91 36.67
C ILE B 325 -10.05 4.89 37.13
N VAL B 326 -9.37 3.77 36.92
CA VAL B 326 -7.94 3.68 37.19
C VAL B 326 -7.15 4.68 36.35
N ALA B 327 -7.48 4.79 35.06
CA ALA B 327 -6.82 5.79 34.21
C ALA B 327 -7.10 7.21 34.72
N HIS B 328 -8.32 7.47 35.19
CA HIS B 328 -8.65 8.76 35.76
C HIS B 328 -7.80 9.03 37.00
N ALA B 329 -7.67 8.01 37.86
CA ALA B 329 -6.87 8.14 39.09
C ALA B 329 -5.43 8.52 38.75
N GLY B 330 -4.94 7.96 37.66
CA GLY B 330 -3.57 8.17 37.21
C GLY B 330 -3.23 9.60 36.85
N LEU B 331 -4.22 10.49 36.80
CA LEU B 331 -3.94 11.90 36.54
C LEU B 331 -3.23 12.52 37.75
N SER B 332 -3.28 11.81 38.88
CA SER B 332 -2.51 12.18 40.06
C SER B 332 -1.24 11.35 40.21
N SER B 333 -0.15 12.01 40.58
CA SER B 333 1.15 11.34 40.73
C SER B 333 1.19 10.42 41.96
N ARG B 334 0.20 10.53 42.84
CA ARG B 334 0.19 9.75 44.07
C ARG B 334 -0.48 8.38 43.93
N ALA B 335 -1.28 8.21 42.87
CA ALA B 335 -2.08 7.01 42.69
C ALA B 335 -1.26 5.71 42.67
N GLU B 336 -1.78 4.68 43.33
CA GLU B 336 -1.14 3.36 43.35
C GLU B 336 -2.03 2.32 42.66
N TRP B 337 -1.41 1.39 41.93
CA TRP B 337 -2.12 0.47 41.01
C TRP B 337 -3.20 -0.41 41.64
N LEU B 338 -2.85 -1.18 42.67
CA LEU B 338 -3.84 -2.07 43.27
C LEU B 338 -4.95 -1.35 44.06
N PRO B 339 -4.60 -0.38 44.90
CA PRO B 339 -5.70 0.38 45.52
C PRO B 339 -6.59 1.07 44.49
N ALA B 340 -6.01 1.50 43.36
CA ALA B 340 -6.79 2.17 42.33
C ALA B 340 -7.79 1.20 41.72
N TRP B 341 -7.36 -0.03 41.44
CA TRP B 341 -8.26 -1.03 40.88
C TRP B 341 -9.36 -1.39 41.87
N GLU B 342 -8.99 -1.54 43.13
CA GLU B 342 -9.99 -1.91 44.13
C GLU B 342 -11.05 -0.83 44.27
N GLU B 343 -10.61 0.42 44.33
CA GLU B 343 -11.55 1.54 44.41
C GLU B 343 -12.38 1.62 43.13
N GLY B 344 -11.75 1.46 41.98
CA GLY B 344 -12.45 1.49 40.70
C GLY B 344 -13.54 0.44 40.60
N LEU B 345 -13.23 -0.78 41.03
CA LEU B 345 -14.21 -1.86 41.04
C LEU B 345 -15.35 -1.55 42.00
N ARG B 346 -15.04 -1.00 43.17
CA ARG B 346 -16.07 -0.66 44.14
C ARG B 346 -16.99 0.42 43.59
N ARG B 347 -16.40 1.43 42.96
CA ARG B 347 -17.19 2.55 42.44
C ARG B 347 -18.03 2.13 41.26
N ALA B 348 -17.48 1.27 40.41
CA ALA B 348 -18.22 0.82 39.23
C ALA B 348 -19.43 0.00 39.65
N SER B 349 -19.20 -0.94 40.57
CA SER B 349 -20.29 -1.78 41.05
C SER B 349 -21.36 -0.97 41.74
N ALA B 350 -20.94 0.01 42.55
CA ALA B 350 -21.90 0.81 43.29
C ALA B 350 -22.71 1.68 42.35
N ALA B 351 -22.08 2.18 41.29
CA ALA B 351 -22.81 3.02 40.33
C ALA B 351 -23.94 2.23 39.69
N ILE B 352 -23.73 0.95 39.41
CA ILE B 352 -24.83 0.12 38.93
C ILE B 352 -25.83 -0.17 40.05
N ASP B 353 -25.33 -0.66 41.18
CA ASP B 353 -26.19 -1.19 42.25
C ASP B 353 -27.16 -0.17 42.87
N THR B 354 -26.73 1.09 42.92
CA THR B 354 -27.55 2.16 43.50
C THR B 354 -28.60 2.68 42.54
N GLY B 355 -28.51 2.21 41.29
CA GLY B 355 -29.37 2.72 40.24
C GLY B 355 -28.84 3.99 39.58
N ALA B 356 -27.71 4.51 40.05
CA ALA B 356 -27.16 5.73 39.46
C ALA B 356 -26.93 5.63 37.95
N ALA B 357 -26.43 4.49 37.49
CA ALA B 357 -26.10 4.31 36.06
C ALA B 357 -27.37 4.27 35.22
N GLU B 358 -28.37 3.53 35.69
CA GLU B 358 -29.66 3.46 35.02
C GLU B 358 -30.30 4.85 34.93
N GLN B 359 -30.26 5.59 36.05
CA GLN B 359 -30.84 6.92 36.07
C GLN B 359 -30.08 7.90 35.18
N LEU B 360 -28.76 7.76 35.10
CA LEU B 360 -27.97 8.66 34.27
C LEU B 360 -28.33 8.45 32.80
N LEU B 361 -28.50 7.21 32.38
CA LEU B 361 -28.90 6.97 31.00
C LEU B 361 -30.26 7.60 30.72
N ALA B 362 -31.23 7.42 31.62
CA ALA B 362 -32.54 8.06 31.45
C ALA B 362 -32.41 9.58 31.38
N ARG B 363 -31.57 10.16 32.22
CA ARG B 363 -31.37 11.60 32.19
C ARG B 363 -30.69 12.06 30.89
N TRP B 364 -29.83 11.21 30.35
CA TRP B 364 -29.13 11.52 29.10
C TRP B 364 -30.14 11.52 27.95
N VAL B 365 -31.05 10.56 27.95
CA VAL B 365 -32.12 10.48 26.95
C VAL B 365 -33.02 11.72 27.04
N ARG B 366 -33.45 12.06 28.26
CA ARG B 366 -34.24 13.29 28.43
C ARG B 366 -33.52 14.56 27.99
N PHE B 367 -32.23 14.67 28.26
CA PHE B 367 -31.46 15.83 27.85
C PHE B 367 -31.62 16.07 26.35
N GLY B 368 -31.46 15.01 25.57
CA GLY B 368 -31.47 15.14 24.12
C GLY B 368 -32.85 15.49 23.57
N ARG B 369 -33.89 15.12 24.29
CA ARG B 369 -35.26 15.41 23.87
C ARG B 369 -35.71 16.81 24.30
N GLN B 370 -35.01 17.37 25.28
CA GLN B 370 -35.39 18.66 25.86
C GLN B 370 -34.64 19.84 25.26
N ILE B 371 -33.83 19.59 24.25
CA ILE B 371 -33.01 20.65 23.67
C ILE B 371 -33.82 21.58 22.77
#